data_6U2M
#
_entry.id   6U2M
#
_cell.length_a   92.560
_cell.length_b   60.662
_cell.length_c   122.600
_cell.angle_alpha   90.000
_cell.angle_beta   91.020
_cell.angle_gamma   90.000
#
_symmetry.space_group_name_H-M   'P 1 2 1'
#
loop_
_entity.id
_entity.type
_entity.pdbx_description
1 polymer 'HaloCaMP V2'
2 non-polymer '(1E,3S)-1-{10-[2-carboxy-5-({2-[2-(hexyloxy)ethoxy]ethyl}carbamoyl)phenyl]-7-(3-fluoroazetidin-1-yl)-5,5-dimethyldibenz o[b,e]silin-3(5H)-ylidene}-3-fluoroazetidin-1-ium'
3 non-polymer 'CHLORIDE ION'
4 non-polymer 'CALCIUM ION'
5 water water
#
_entity_poly.entity_id   1
_entity_poly.type   'polypeptide(L)'
_entity_poly.pdbx_seq_one_letter_code
;MHHHHHHGVRVIPRLDTLILVKAMGHRKRFGNPFRPKETFQAFRTTDVGRKLIIDQNVFIEGTLPMGVVRPLTEVEMDHY
REPFLNPVDREPLWRFPNELPIAGEPANIVALVEEYMDWLHQSPVPKLLFWGTPGVLIPPAEAARLAKSLPNCKAVDIGP
GLNLLQEDNPDLIGSEIARWLSTLEISGGGTGGSGGTGGSGGTGGSMAEIGTGFPFDPHYVEVLGERMHYVDVGPRDGTP
VLFLHGNPTSSYVWRNIIPHVAPKHRCIAPDLIGMGKSDKPDLGYFFDDHVRFMDAFIEALGLEEVVLVIHDWGSALGFH
WAKRNPERVKGIAFMEFIRPIPTWDEWPFARDQLTEEQIAEFKEAFSLFDKDGDGTITTKELGTVMRSLGQNPTEAELQD
MINEVDADGNGTIDFPEFLTMMARKMKDTDSEEEIREAFRVFDKDGNGYISAAELRHVMTNLGEKLTDEEVDEMIREADI
DGDGQVNYEEFVQMMTAK
;
_entity_poly.pdbx_strand_id   A,C
#
loop_
_chem_comp.id
_chem_comp.type
_chem_comp.name
_chem_comp.formula
CA non-polymer 'CALCIUM ION' 'Ca 2'
CL non-polymer 'CHLORIDE ION' 'Cl -1'
PUJ non-polymer '(1E,3S)-1-{10-[2-carboxy-5-({2-[2-(hexyloxy)ethoxy]ethyl}carbamoyl)phenyl]-7-(3-fluoroazetidin-1-yl)-5,5-dimethyldibenz o[b,e]silin-3(5H)-ylidene}-3-fluoroazetidin-1-ium' 'C39 H48 F2 N3 O5 Si 1'
#
# COMPACT_ATOMS: atom_id res chain seq x y z
N ILE A 12 13.79 -19.97 8.41
CA ILE A 12 12.52 -19.10 8.37
C ILE A 12 12.57 -17.73 9.17
N PRO A 13 12.63 -16.61 8.52
CA PRO A 13 13.09 -15.41 9.12
C PRO A 13 12.02 -14.71 10.03
N ARG A 14 12.58 -13.78 10.74
CA ARG A 14 11.79 -12.83 11.54
C ARG A 14 11.02 -11.94 10.60
N LEU A 15 9.85 -11.47 11.05
CA LEU A 15 9.10 -10.54 10.29
C LEU A 15 9.91 -9.28 9.98
N ASP A 16 10.66 -8.80 10.95
CA ASP A 16 11.35 -7.53 10.76
C ASP A 16 12.40 -7.64 9.71
N THR A 17 12.96 -8.80 9.55
CA THR A 17 13.94 -8.99 8.49
C THR A 17 13.26 -8.80 7.17
N LEU A 18 12.03 -9.25 7.00
CA LEU A 18 11.33 -9.09 5.69
C LEU A 18 10.97 -7.68 5.43
N ILE A 19 10.64 -6.89 6.49
CA ILE A 19 10.37 -5.49 6.28
C ILE A 19 11.63 -4.75 5.89
N LEU A 20 12.74 -5.07 6.52
CA LEU A 20 14.01 -4.51 6.02
C LEU A 20 14.34 -4.82 4.54
N VAL A 21 14.12 -6.08 4.14
CA VAL A 21 14.44 -6.49 2.75
C VAL A 21 13.51 -5.70 1.80
N LYS A 22 12.23 -5.64 2.12
CA LYS A 22 11.26 -4.77 1.40
C LYS A 22 11.69 -3.31 1.31
N ALA A 23 12.18 -2.74 2.42
CA ALA A 23 12.61 -1.36 2.35
C ALA A 23 13.86 -1.20 1.51
N MET A 24 14.69 -2.26 1.35
CA MET A 24 15.82 -2.12 0.45
C MET A 24 15.36 -2.06 -1.02
N GLY A 25 14.36 -2.84 -1.40
CA GLY A 25 13.83 -2.81 -2.73
C GLY A 25 13.05 -1.57 -3.02
N HIS A 26 12.38 -1.01 -2.02
CA HIS A 26 11.76 0.32 -2.13
C HIS A 26 12.84 1.38 -2.49
N ARG A 27 14.04 1.32 -1.91
CA ARG A 27 15.12 2.23 -2.26
C ARG A 27 15.80 1.73 -3.52
N LYS A 28 15.54 0.51 -4.03
CA LYS A 28 16.23 0.06 -5.22
C LYS A 28 17.76 -0.09 -5.08
N ARG A 29 18.20 -0.31 -3.85
CA ARG A 29 19.60 -0.45 -3.58
C ARG A 29 19.83 -1.39 -2.43
N PHE A 30 20.98 -2.02 -2.43
CA PHE A 30 21.40 -2.81 -1.34
C PHE A 30 21.96 -1.83 -0.34
N GLY A 31 21.91 -2.18 0.92
CA GLY A 31 22.42 -1.24 1.93
C GLY A 31 21.37 -1.01 2.97
N ASN A 32 21.81 -0.40 4.04
CA ASN A 32 20.91 -0.22 5.14
C ASN A 32 19.91 0.90 4.77
N PRO A 33 18.60 0.63 4.70
CA PRO A 33 17.66 1.59 4.24
C PRO A 33 17.12 2.46 5.28
N PHE A 34 17.50 2.23 6.54
CA PHE A 34 16.96 3.00 7.61
C PHE A 34 18.03 3.89 8.21
N ARG A 35 19.34 3.77 7.84
CA ARG A 35 20.41 4.61 8.52
C ARG A 35 19.89 6.06 8.67
N PRO A 36 19.84 6.59 9.90
CA PRO A 36 19.18 7.89 10.08
C PRO A 36 19.99 9.20 9.72
N LYS A 37 21.19 9.15 9.12
CA LYS A 37 22.10 10.37 8.94
C LYS A 37 22.79 10.88 10.22
N GLU A 38 22.04 11.00 11.35
CA GLU A 38 22.52 10.96 12.77
C GLU A 38 23.31 12.21 13.26
N THR A 39 24.35 12.48 12.46
CA THR A 39 25.10 13.72 12.26
C THR A 39 26.33 13.95 13.25
N PHE A 40 26.07 14.04 14.55
CA PHE A 40 27.17 14.12 15.53
C PHE A 40 27.94 12.79 15.49
N GLN A 41 27.28 11.70 15.08
CA GLN A 41 28.01 10.44 14.94
C GLN A 41 28.99 10.52 13.78
N ALA A 42 28.60 11.20 12.70
CA ALA A 42 29.51 11.36 11.61
C ALA A 42 30.70 12.25 11.95
N PHE A 43 30.41 13.27 12.73
CA PHE A 43 31.48 14.14 13.27
C PHE A 43 32.53 13.34 14.01
N ARG A 44 32.13 12.30 14.68
CA ARG A 44 32.99 11.40 15.44
C ARG A 44 33.51 10.18 14.78
N THR A 45 33.27 10.04 13.48
CA THR A 45 33.78 8.85 12.80
C THR A 45 34.92 9.35 11.98
N THR A 46 35.98 8.58 12.06
CA THR A 46 37.23 8.82 11.35
C THR A 46 37.04 9.17 9.85
N ASP A 47 37.72 10.23 9.40
CA ASP A 47 37.77 10.63 7.97
C ASP A 47 36.54 11.44 7.52
N VAL A 48 35.36 10.85 7.72
CA VAL A 48 34.04 11.51 7.54
C VAL A 48 33.86 12.86 8.33
N GLY A 49 34.05 12.77 9.68
CA GLY A 49 33.94 13.93 10.52
C GLY A 49 34.85 15.02 10.02
N ARG A 50 36.10 14.71 9.71
CA ARG A 50 37.03 15.74 9.24
C ARG A 50 36.58 16.34 7.89
N LYS A 51 36.03 15.51 6.99
CA LYS A 51 35.61 16.01 5.65
C LYS A 51 34.47 17.00 5.86
N LEU A 52 33.55 16.66 6.77
CA LEU A 52 32.46 17.56 7.12
C LEU A 52 32.90 18.87 7.81
N ILE A 53 33.67 18.79 8.91
CA ILE A 53 33.88 19.99 9.71
C ILE A 53 35.04 20.75 9.24
N ILE A 54 36.15 20.05 8.89
CA ILE A 54 37.37 20.75 8.44
C ILE A 54 37.21 21.20 6.92
N ASP A 55 36.92 20.26 6.03
CA ASP A 55 36.92 20.56 4.55
C ASP A 55 35.71 21.38 4.09
N GLN A 56 34.53 20.99 4.59
CA GLN A 56 33.27 21.67 4.27
C GLN A 56 32.76 22.65 5.27
N ASN A 57 33.44 22.82 6.40
CA ASN A 57 33.00 23.77 7.38
C ASN A 57 31.54 23.62 7.88
N VAL A 58 31.04 22.42 7.90
CA VAL A 58 29.66 22.15 8.35
C VAL A 58 29.35 22.58 9.77
N PHE A 59 30.35 22.68 10.65
CA PHE A 59 30.00 22.97 12.04
C PHE A 59 29.57 24.42 12.06
N ILE A 60 30.25 25.28 11.30
CA ILE A 60 29.93 26.70 11.24
C ILE A 60 28.66 26.95 10.44
N GLU A 61 28.52 26.25 9.32
CA GLU A 61 27.51 26.60 8.28
C GLU A 61 26.20 25.89 8.52
N GLY A 62 26.21 24.66 9.04
CA GLY A 62 24.96 23.92 9.39
C GLY A 62 24.71 23.89 10.91
N THR A 63 25.65 23.29 11.65
CA THR A 63 25.48 23.09 13.07
C THR A 63 25.18 24.32 13.88
N LEU A 64 26.00 25.33 13.78
CA LEU A 64 25.78 26.60 14.51
C LEU A 64 24.39 27.27 14.33
N PRO A 65 23.98 27.61 13.06
CA PRO A 65 22.60 28.05 12.86
C PRO A 65 21.55 27.08 13.40
N MET A 66 21.75 25.77 13.28
CA MET A 66 20.77 24.84 13.92
C MET A 66 20.84 24.91 15.48
N GLY A 67 21.79 25.63 16.08
CA GLY A 67 21.70 25.82 17.55
C GLY A 67 21.03 27.07 17.98
N VAL A 68 20.37 27.74 17.04
CA VAL A 68 19.63 28.98 17.32
C VAL A 68 18.23 28.86 16.71
N VAL A 69 17.22 29.17 17.49
CA VAL A 69 15.82 29.11 17.01
C VAL A 69 15.57 30.24 15.97
N ARG A 70 15.67 31.48 16.38
CA ARG A 70 15.72 32.54 15.42
C ARG A 70 16.86 32.31 14.33
N PRO A 71 16.64 32.83 13.12
CA PRO A 71 17.70 32.75 12.10
C PRO A 71 18.76 33.74 12.47
N LEU A 72 20.00 33.27 12.45
CA LEU A 72 21.15 34.16 12.44
C LEU A 72 21.18 34.97 11.17
N THR A 73 21.55 36.23 11.35
CA THR A 73 21.65 37.18 10.24
C THR A 73 23.05 36.99 9.74
N GLU A 74 23.25 37.47 8.53
CA GLU A 74 24.48 37.40 7.81
C GLU A 74 25.57 38.08 8.53
N VAL A 75 25.25 39.19 9.17
CA VAL A 75 26.25 39.92 9.89
C VAL A 75 26.76 38.98 11.06
N GLU A 76 25.86 38.20 11.66
CA GLU A 76 26.20 37.42 12.78
C GLU A 76 27.03 36.26 12.23
N MET A 77 26.48 35.56 11.24
CA MET A 77 27.18 34.49 10.61
C MET A 77 28.61 34.86 10.25
N ASP A 78 28.84 36.07 9.88
CA ASP A 78 30.19 36.48 9.48
C ASP A 78 31.14 36.68 10.62
N HIS A 79 30.61 37.18 11.73
CA HIS A 79 31.39 37.17 12.96
C HIS A 79 31.81 35.76 13.42
N TYR A 80 30.89 34.80 13.43
CA TYR A 80 31.20 33.43 13.79
C TYR A 80 32.19 32.76 12.81
N ARG A 81 32.15 33.16 11.51
CA ARG A 81 32.88 32.51 10.49
C ARG A 81 34.28 32.97 10.52
N GLU A 82 34.48 34.17 10.92
CA GLU A 82 35.76 34.80 10.72
C GLU A 82 37.05 34.04 11.17
N PRO A 83 37.01 33.45 12.38
CA PRO A 83 38.24 32.77 12.87
C PRO A 83 38.58 31.53 12.07
N PHE A 84 37.61 31.02 11.33
CA PHE A 84 37.69 29.80 10.64
C PHE A 84 37.73 29.90 9.12
N LEU A 85 38.13 31.04 8.63
CA LEU A 85 38.06 31.27 7.17
C LEU A 85 39.00 30.36 6.40
N ASN A 86 40.14 30.09 7.04
CA ASN A 86 41.09 29.20 6.52
C ASN A 86 40.79 27.80 7.02
N PRO A 87 40.61 26.82 6.13
CA PRO A 87 40.37 25.41 6.56
C PRO A 87 41.37 24.81 7.58
N VAL A 88 42.66 25.23 7.53
CA VAL A 88 43.63 24.68 8.39
C VAL A 88 43.41 25.12 9.90
N ASP A 89 42.56 26.14 10.15
CA ASP A 89 42.33 26.73 11.45
C ASP A 89 41.09 26.09 12.11
N ARG A 90 40.59 25.01 11.50
CA ARG A 90 39.36 24.37 11.96
C ARG A 90 39.53 23.19 12.92
N GLU A 91 40.77 22.91 13.33
CA GLU A 91 40.96 21.78 14.21
C GLU A 91 40.07 21.83 15.51
N PRO A 92 39.87 23.01 16.10
CA PRO A 92 39.12 22.93 17.37
C PRO A 92 37.70 22.51 17.15
N LEU A 93 37.15 22.83 15.97
CA LEU A 93 35.72 22.61 15.70
C LEU A 93 35.40 21.19 15.60
N TRP A 94 36.39 20.41 15.22
CA TRP A 94 36.30 18.98 14.97
C TRP A 94 36.71 18.23 16.23
N ARG A 95 37.75 18.69 16.90
CA ARG A 95 38.18 18.03 18.18
C ARG A 95 37.18 18.07 19.28
N PHE A 96 36.57 19.23 19.48
CA PHE A 96 35.47 19.35 20.49
C PHE A 96 34.35 18.36 20.41
N PRO A 97 33.74 18.14 19.25
CA PRO A 97 32.67 17.17 19.27
C PRO A 97 33.13 15.73 19.46
N ASN A 98 34.34 15.47 19.02
CA ASN A 98 35.00 14.19 19.37
C ASN A 98 35.42 14.05 20.84
N GLU A 99 35.39 15.17 21.60
CA GLU A 99 35.64 15.16 23.06
C GLU A 99 34.31 15.06 23.83
N LEU A 100 33.14 15.25 23.18
CA LEU A 100 31.91 15.20 24.01
C LEU A 100 31.71 13.89 24.66
N PRO A 101 31.29 13.92 25.93
CA PRO A 101 31.14 12.69 26.64
C PRO A 101 29.85 11.94 26.28
N ILE A 102 29.90 11.06 25.26
CA ILE A 102 28.67 10.39 24.80
C ILE A 102 28.87 8.95 24.76
N ALA A 103 27.97 8.21 25.39
CA ALA A 103 27.99 6.79 25.39
C ALA A 103 29.25 6.29 26.02
N GLY A 104 29.75 7.01 27.02
CA GLY A 104 30.89 6.53 27.79
C GLY A 104 32.22 6.78 27.11
N GLU A 105 32.27 7.50 25.99
CA GLU A 105 33.47 7.85 25.31
C GLU A 105 33.60 9.34 25.02
N PRO A 106 34.79 9.90 25.08
CA PRO A 106 36.01 9.32 25.56
C PRO A 106 35.97 9.19 27.13
N ALA A 107 36.61 8.14 27.60
CA ALA A 107 36.55 7.81 28.97
C ALA A 107 37.09 8.89 29.93
N ASN A 108 38.14 9.62 29.52
CA ASN A 108 38.77 10.64 30.30
C ASN A 108 37.80 11.79 30.54
N ILE A 109 37.07 12.21 29.52
CA ILE A 109 36.19 13.32 29.60
C ILE A 109 34.94 12.91 30.29
N VAL A 110 34.46 11.70 30.06
CA VAL A 110 33.35 11.28 30.87
C VAL A 110 33.68 11.33 32.43
N ALA A 111 34.82 10.74 32.79
CA ALA A 111 35.26 10.73 34.20
C ALA A 111 35.37 12.17 34.83
N LEU A 112 36.03 13.06 34.15
CA LEU A 112 36.24 14.37 34.62
C LEU A 112 34.87 15.15 34.76
N VAL A 113 34.01 14.98 33.74
CA VAL A 113 32.68 15.50 33.74
C VAL A 113 31.84 14.87 34.89
N GLU A 114 31.90 13.56 35.10
CA GLU A 114 31.17 13.01 36.22
C GLU A 114 31.69 13.55 37.58
N GLU A 115 32.96 13.84 37.69
CA GLU A 115 33.57 14.29 38.94
C GLU A 115 33.12 15.70 39.16
N TYR A 116 33.08 16.56 38.14
CA TYR A 116 32.55 17.86 38.40
C TYR A 116 31.07 17.93 38.66
N MET A 117 30.29 17.00 38.11
CA MET A 117 28.84 16.99 38.37
C MET A 117 28.60 16.57 39.83
N ASP A 118 29.34 15.61 40.29
CA ASP A 118 29.35 15.25 41.67
C ASP A 118 29.70 16.37 42.63
N TRP A 119 30.84 17.04 42.38
CA TRP A 119 31.23 18.19 43.15
C TRP A 119 30.01 19.15 43.16
N LEU A 120 29.41 19.33 41.99
CA LEU A 120 28.33 20.30 41.83
C LEU A 120 27.09 19.98 42.64
N HIS A 121 26.71 18.70 42.74
CA HIS A 121 25.65 18.22 43.55
C HIS A 121 25.90 18.43 45.09
N GLN A 122 27.13 18.55 45.50
CA GLN A 122 27.48 18.65 46.94
C GLN A 122 27.88 20.09 47.26
N SER A 123 28.11 20.94 46.29
CA SER A 123 28.69 22.28 46.54
C SER A 123 27.55 23.27 46.96
N PRO A 124 27.80 24.19 47.92
CA PRO A 124 26.83 25.20 48.28
C PRO A 124 26.87 26.40 47.37
N VAL A 125 27.76 26.40 46.42
CA VAL A 125 27.96 27.57 45.59
C VAL A 125 26.66 28.06 44.94
N PRO A 126 26.38 29.35 44.99
CA PRO A 126 25.06 29.70 44.37
C PRO A 126 25.11 29.41 42.83
N LYS A 127 23.98 28.88 42.35
CA LYS A 127 23.89 28.43 40.99
C LYS A 127 22.72 29.06 40.25
N LEU A 128 22.91 29.44 39.00
CA LEU A 128 21.82 29.98 38.17
C LEU A 128 21.82 29.24 36.81
N LEU A 129 20.80 28.40 36.63
CA LEU A 129 20.64 27.56 35.48
C LEU A 129 19.62 28.16 34.44
N PHE A 130 20.11 28.59 33.28
CA PHE A 130 19.18 28.96 32.18
C PHE A 130 18.96 27.75 31.28
N TRP A 131 17.72 27.62 30.86
CA TRP A 131 17.33 26.52 29.95
C TRP A 131 16.23 27.00 28.94
N GLY A 132 16.05 26.24 27.85
CA GLY A 132 15.13 26.59 26.73
C GLY A 132 14.52 25.32 26.16
N THR A 133 13.41 25.47 25.41
CA THR A 133 12.67 24.31 24.86
C THR A 133 12.98 24.42 23.37
N PRO A 134 13.44 23.36 22.71
CA PRO A 134 13.65 22.02 23.24
C PRO A 134 15.06 21.72 23.80
N GLY A 135 15.95 22.71 23.72
CA GLY A 135 17.31 22.54 24.16
C GLY A 135 18.07 21.60 23.22
N VAL A 136 19.34 21.41 23.48
CA VAL A 136 20.19 20.47 22.73
C VAL A 136 20.88 19.58 23.71
N LEU A 137 21.83 20.14 24.47
CA LEU A 137 22.51 19.41 25.56
C LEU A 137 21.65 19.22 26.79
N ILE A 138 20.69 20.11 27.04
CA ILE A 138 20.01 20.08 28.31
C ILE A 138 18.54 20.22 27.97
N PRO A 139 17.85 19.12 27.76
CA PRO A 139 16.40 19.16 27.50
C PRO A 139 15.72 19.68 28.71
N PRO A 140 14.52 20.21 28.56
CA PRO A 140 13.75 20.65 29.76
C PRO A 140 13.57 19.63 30.86
N ALA A 141 13.40 18.36 30.55
CA ALA A 141 13.31 17.37 31.62
C ALA A 141 14.60 17.35 32.53
N GLU A 142 15.77 17.50 31.89
CA GLU A 142 17.04 17.50 32.56
C GLU A 142 17.22 18.81 33.32
N ALA A 143 16.82 19.91 32.74
CA ALA A 143 16.80 21.18 33.46
C ALA A 143 16.00 21.12 34.75
N ALA A 144 14.84 20.46 34.74
CA ALA A 144 13.98 20.41 35.93
C ALA A 144 14.63 19.52 36.99
N ARG A 145 15.12 18.37 36.55
CA ARG A 145 15.78 17.47 37.49
C ARG A 145 16.98 18.19 38.21
N LEU A 146 17.82 18.96 37.48
CA LEU A 146 18.90 19.72 38.09
C LEU A 146 18.52 20.87 38.96
N ALA A 147 17.45 21.57 38.63
CA ALA A 147 17.02 22.67 39.45
C ALA A 147 16.54 22.13 40.86
N LYS A 148 16.02 20.92 40.88
CA LYS A 148 15.78 20.23 42.14
C LYS A 148 17.08 19.86 42.85
N SER A 149 17.87 19.00 42.21
CA SER A 149 18.92 18.22 42.88
C SER A 149 20.14 19.05 43.26
N LEU A 150 20.45 20.13 42.57
CA LEU A 150 21.64 20.94 42.78
C LEU A 150 21.32 21.99 43.85
N PRO A 151 22.26 22.19 44.80
CA PRO A 151 21.89 23.12 45.91
C PRO A 151 21.93 24.50 45.46
N ASN A 152 21.10 25.35 46.11
CA ASN A 152 21.11 26.77 45.86
C ASN A 152 21.04 27.16 44.40
N CYS A 153 20.17 26.45 43.67
CA CYS A 153 20.02 26.51 42.19
C CYS A 153 18.69 27.18 41.89
N LYS A 154 18.78 28.30 41.24
CA LYS A 154 17.65 28.91 40.56
C LYS A 154 17.75 28.62 39.04
N ALA A 155 16.59 28.21 38.51
CA ALA A 155 16.42 27.88 37.13
C ALA A 155 15.54 28.90 36.45
N VAL A 156 15.97 29.45 35.33
CA VAL A 156 15.18 30.45 34.60
C VAL A 156 14.94 29.89 33.18
N ASP A 157 13.64 29.77 32.78
CA ASP A 157 13.11 29.39 31.44
C ASP A 157 13.29 30.52 30.43
N ILE A 158 14.08 30.33 29.37
CA ILE A 158 14.24 31.43 28.41
C ILE A 158 13.27 31.45 27.22
N GLY A 159 12.41 30.44 27.20
CA GLY A 159 11.44 30.22 26.17
C GLY A 159 12.09 29.41 25.06
N PRO A 160 11.99 29.87 23.80
CA PRO A 160 12.44 28.78 22.97
C PRO A 160 13.96 28.91 22.90
N GLY A 161 14.60 27.78 22.71
CA GLY A 161 16.04 27.74 22.84
C GLY A 161 16.53 26.41 22.43
N LEU A 162 17.70 26.44 21.79
CA LEU A 162 18.36 25.21 21.39
C LEU A 162 19.66 25.12 22.17
N ASN A 163 20.81 25.53 21.59
CA ASN A 163 22.02 25.59 22.26
C ASN A 163 22.54 26.98 22.61
N LEU A 164 22.56 27.89 21.65
CA LEU A 164 23.13 29.20 21.89
C LEU A 164 21.98 30.04 22.41
N LEU A 165 21.64 29.83 23.68
CA LEU A 165 20.51 30.50 24.32
C LEU A 165 20.69 31.98 24.36
N GLN A 166 21.96 32.38 24.37
CA GLN A 166 22.35 33.77 24.29
C GLN A 166 21.84 34.52 23.05
N GLU A 167 21.54 33.77 21.96
CA GLU A 167 21.19 34.33 20.64
C GLU A 167 19.63 34.35 20.42
N ASP A 168 18.94 33.56 21.25
CA ASP A 168 17.50 33.61 21.37
C ASP A 168 16.98 34.56 22.44
N ASN A 169 17.64 34.75 23.58
CA ASN A 169 17.06 35.64 24.58
C ASN A 169 18.05 36.35 25.44
N PRO A 170 18.88 37.18 24.79
CA PRO A 170 19.96 37.73 25.57
C PRO A 170 19.52 38.66 26.64
N ASP A 171 18.38 39.29 26.46
CA ASP A 171 17.96 40.34 27.40
C ASP A 171 17.51 39.72 28.69
N LEU A 172 16.76 38.64 28.59
CA LEU A 172 16.40 37.92 29.78
C LEU A 172 17.64 37.31 30.51
N ILE A 173 18.53 36.68 29.76
CA ILE A 173 19.71 36.07 30.42
C ILE A 173 20.50 37.16 31.11
N GLY A 174 20.79 38.21 30.37
CA GLY A 174 21.62 39.30 30.95
C GLY A 174 20.97 39.92 32.20
N SER A 175 19.66 40.15 32.16
CA SER A 175 19.03 40.92 33.25
C SER A 175 18.93 40.08 34.55
N GLU A 176 18.54 38.83 34.34
CA GLU A 176 18.64 37.79 35.36
C GLU A 176 20.01 37.62 35.99
N ILE A 177 21.07 37.63 35.19
CA ILE A 177 22.40 37.44 35.78
C ILE A 177 22.65 38.68 36.62
N ALA A 178 22.32 39.84 36.05
CA ALA A 178 22.52 41.15 36.79
C ALA A 178 21.74 41.17 38.09
N ARG A 179 20.57 40.60 38.09
CA ARG A 179 19.88 40.51 39.36
C ARG A 179 20.49 39.50 40.32
N TRP A 180 20.72 38.28 39.83
CA TRP A 180 21.28 37.27 40.74
C TRP A 180 22.61 37.72 41.29
N LEU A 181 23.43 38.38 40.49
CA LEU A 181 24.61 38.99 41.06
C LEU A 181 24.45 39.89 42.27
N SER A 182 23.44 40.74 42.32
CA SER A 182 23.33 41.54 43.58
C SER A 182 22.84 40.74 44.82
N THR A 183 22.30 39.55 44.65
CA THR A 183 21.91 38.73 45.79
C THR A 183 23.17 37.96 46.34
N LEU A 184 24.27 37.91 45.59
CA LEU A 184 25.50 37.25 46.04
C LEU A 184 26.35 38.12 46.94
N GLU A 185 27.15 37.48 47.76
CA GLU A 185 28.12 38.22 48.52
C GLU A 185 29.46 38.37 47.77
N ILE A 186 29.66 39.56 47.25
CA ILE A 186 30.71 39.89 46.32
C ILE A 186 30.57 41.40 46.23
N SER A 187 31.63 42.09 45.83
CA SER A 187 31.55 43.56 45.79
C SER A 187 30.49 44.11 44.78
N ILE A 210 18.06 42.81 19.07
CA ILE A 210 19.21 41.89 19.38
C ILE A 210 20.37 42.33 18.49
N GLY A 211 21.33 43.00 19.14
CA GLY A 211 22.46 43.59 18.46
C GLY A 211 23.41 42.55 17.86
N THR A 212 24.05 43.00 16.77
CA THR A 212 24.97 42.22 15.93
C THR A 212 26.42 42.77 16.05
N GLY A 213 26.56 43.99 16.60
CA GLY A 213 27.84 44.71 16.73
C GLY A 213 28.72 44.11 17.87
N PHE A 214 30.05 44.24 17.77
CA PHE A 214 30.89 43.88 18.89
C PHE A 214 31.69 45.12 19.29
N PRO A 215 31.09 46.03 20.08
CA PRO A 215 31.87 47.21 20.50
C PRO A 215 33.34 46.91 21.03
N PHE A 216 33.57 45.78 21.73
CA PHE A 216 34.45 45.80 22.88
C PHE A 216 35.84 45.96 22.43
N ASP A 217 36.59 46.77 23.14
CA ASP A 217 38.00 46.94 22.96
C ASP A 217 38.73 45.59 23.06
N PRO A 218 39.58 45.25 22.12
CA PRO A 218 40.33 43.97 22.24
C PRO A 218 41.51 44.03 23.17
N HIS A 219 41.53 43.16 24.15
CA HIS A 219 42.72 42.99 24.97
C HIS A 219 43.40 41.63 24.73
N TYR A 220 44.70 41.57 25.02
CA TYR A 220 45.40 40.38 24.90
C TYR A 220 46.23 40.19 26.11
N VAL A 221 46.42 38.94 26.41
CA VAL A 221 47.35 38.55 27.39
C VAL A 221 48.22 37.34 26.95
N GLU A 222 49.45 37.35 27.42
CA GLU A 222 50.43 36.28 27.10
C GLU A 222 50.11 35.03 27.89
N VAL A 223 49.80 33.96 27.22
CA VAL A 223 49.44 32.68 27.89
C VAL A 223 50.22 31.48 27.26
N LEU A 224 51.09 30.82 28.02
CA LEU A 224 51.84 29.65 27.50
C LEU A 224 52.49 29.94 26.14
N GLY A 225 53.09 31.13 26.01
CA GLY A 225 53.77 31.54 24.81
C GLY A 225 52.83 31.99 23.72
N GLU A 226 51.54 32.13 23.97
CA GLU A 226 50.57 32.55 22.94
C GLU A 226 49.82 33.76 23.44
N ARG A 227 49.03 34.39 22.59
CA ARG A 227 48.24 35.57 23.02
C ARG A 227 46.84 35.15 22.91
N MET A 228 46.14 35.35 24.00
CA MET A 228 44.74 35.07 24.03
C MET A 228 43.98 36.39 24.08
N HIS A 229 42.92 36.46 23.31
CA HIS A 229 42.05 37.71 23.26
C HIS A 229 40.98 37.68 24.31
N TYR A 230 40.77 38.81 24.95
CA TYR A 230 39.62 38.87 25.85
C TYR A 230 38.93 40.25 25.87
N VAL A 231 37.67 40.24 26.18
CA VAL A 231 36.92 41.44 26.47
C VAL A 231 37.21 41.71 27.97
N ASP A 232 37.43 42.96 28.31
CA ASP A 232 37.57 43.34 29.69
C ASP A 232 36.90 44.69 29.98
N VAL A 233 35.67 44.69 30.40
CA VAL A 233 34.93 46.00 30.66
C VAL A 233 34.41 46.02 32.09
N GLY A 234 33.89 47.16 32.51
CA GLY A 234 33.21 47.31 33.82
C GLY A 234 34.19 47.82 34.80
N PRO A 235 33.74 48.07 36.04
CA PRO A 235 34.65 48.66 37.02
C PRO A 235 35.88 47.73 37.27
N ARG A 236 37.00 48.30 37.70
CA ARG A 236 38.23 47.58 37.94
C ARG A 236 38.20 46.84 39.27
N ASP A 237 37.50 47.40 40.23
CA ASP A 237 37.37 46.80 41.54
C ASP A 237 36.22 45.84 41.61
N GLY A 238 36.28 45.00 42.62
CA GLY A 238 35.23 44.02 42.84
C GLY A 238 35.49 42.63 42.35
N THR A 239 34.48 41.80 42.46
CA THR A 239 34.57 40.44 42.03
C THR A 239 34.30 40.40 40.50
N PRO A 240 35.23 39.78 39.76
CA PRO A 240 34.94 39.81 38.32
C PRO A 240 34.02 38.72 37.95
N VAL A 241 33.39 38.91 36.79
CA VAL A 241 32.53 37.93 36.21
C VAL A 241 33.23 37.40 34.96
N LEU A 242 33.53 36.12 34.92
CA LEU A 242 34.27 35.56 33.84
C LEU A 242 33.30 34.74 32.99
N PHE A 243 33.15 35.11 31.74
CA PHE A 243 32.25 34.48 30.79
C PHE A 243 33.05 33.54 29.82
N LEU A 244 32.58 32.29 29.67
CA LEU A 244 33.29 31.24 28.93
C LEU A 244 32.38 30.62 27.88
N HIS A 245 32.78 30.84 26.63
CA HIS A 245 32.06 30.34 25.50
C HIS A 245 32.50 28.97 25.20
N GLY A 246 31.80 28.32 24.25
CA GLY A 246 32.03 26.96 23.86
C GLY A 246 32.23 26.85 22.34
N ASN A 247 31.88 25.71 21.76
CA ASN A 247 32.12 25.42 20.34
C ASN A 247 30.81 25.68 19.58
N PRO A 248 30.80 26.46 18.48
CA PRO A 248 31.94 26.99 17.69
C PRO A 248 31.98 28.51 17.76
N THR A 249 31.82 29.03 18.97
CA THR A 249 31.61 30.42 19.18
C THR A 249 32.88 31.13 19.65
N SER A 250 32.71 32.34 20.17
CA SER A 250 33.75 33.12 20.73
C SER A 250 33.15 34.07 21.78
N SER A 251 33.89 35.04 22.29
CA SER A 251 33.33 35.98 23.21
C SER A 251 32.15 36.76 22.57
N TYR A 252 32.08 36.74 21.24
CA TYR A 252 30.98 37.24 20.45
C TYR A 252 29.65 36.80 20.99
N VAL A 253 29.52 35.57 21.46
CA VAL A 253 28.24 35.06 21.95
C VAL A 253 27.77 35.75 23.21
N TRP A 254 28.62 36.51 23.83
CA TRP A 254 28.27 37.16 25.05
C TRP A 254 27.96 38.64 24.84
N ARG A 255 28.01 39.11 23.60
CA ARG A 255 27.95 40.52 23.33
C ARG A 255 26.75 41.23 23.88
N ASN A 256 25.62 40.58 23.90
CA ASN A 256 24.36 41.22 24.32
C ASN A 256 24.03 40.89 25.75
N ILE A 257 24.90 40.10 26.41
CA ILE A 257 24.71 39.77 27.82
C ILE A 257 25.56 40.65 28.70
N ILE A 258 26.82 40.82 28.31
CA ILE A 258 27.77 41.63 29.05
C ILE A 258 27.29 43.09 29.37
N PRO A 259 26.62 43.77 28.45
CA PRO A 259 26.14 45.16 28.79
C PRO A 259 25.19 45.23 30.00
N HIS A 260 24.46 44.16 30.30
CA HIS A 260 23.66 44.11 31.53
C HIS A 260 24.49 44.00 32.76
N VAL A 261 25.73 43.47 32.70
CA VAL A 261 26.48 43.16 33.93
C VAL A 261 27.57 44.18 34.22
N ALA A 262 28.14 44.70 33.12
CA ALA A 262 29.27 45.64 33.12
C ALA A 262 29.11 46.97 33.90
N PRO A 263 27.87 47.51 33.97
CA PRO A 263 27.63 48.68 34.88
C PRO A 263 28.09 48.43 36.33
N LYS A 264 27.85 47.22 36.85
CA LYS A 264 28.15 46.90 38.24
C LYS A 264 29.40 46.02 38.48
N HIS A 265 29.75 45.14 37.53
CA HIS A 265 30.86 44.25 37.72
C HIS A 265 31.80 44.17 36.52
N ARG A 266 33.08 43.98 36.80
CA ARG A 266 34.08 43.67 35.78
C ARG A 266 33.64 42.37 35.04
N CYS A 267 33.62 42.46 33.72
CA CYS A 267 33.26 41.36 32.80
C CYS A 267 34.51 40.97 31.94
N ILE A 268 34.95 39.72 32.04
CA ILE A 268 36.17 39.21 31.37
C ILE A 268 35.63 38.11 30.50
N ALA A 269 35.76 38.24 29.19
CA ALA A 269 35.23 37.24 28.27
C ALA A 269 36.33 36.83 27.26
N PRO A 270 37.06 35.73 27.56
CA PRO A 270 38.13 35.35 26.71
C PRO A 270 37.74 34.54 25.59
N ASP A 271 38.59 34.56 24.56
CA ASP A 271 38.38 33.66 23.43
C ASP A 271 39.28 32.48 23.70
N LEU A 272 38.70 31.30 23.74
CA LEU A 272 39.52 30.04 23.87
C LEU A 272 40.62 29.98 22.86
N ILE A 273 41.72 29.33 23.25
CA ILE A 273 42.85 29.16 22.36
C ILE A 273 42.36 28.53 21.04
N GLY A 274 42.89 28.99 19.92
CA GLY A 274 42.44 28.48 18.63
C GLY A 274 41.13 29.05 18.12
N MET A 275 40.52 29.92 18.92
CA MET A 275 39.16 30.32 18.68
C MET A 275 39.09 31.85 18.76
N GLY A 276 38.04 32.42 18.14
CA GLY A 276 37.82 33.91 18.18
C GLY A 276 39.02 34.69 17.62
N LYS A 277 39.55 35.62 18.39
CA LYS A 277 40.74 36.33 18.01
C LYS A 277 42.02 35.94 18.70
N SER A 278 42.00 34.82 19.39
CA SER A 278 43.20 34.32 20.09
C SER A 278 44.09 33.66 19.08
N ASP A 279 45.36 33.47 19.47
CA ASP A 279 46.34 32.82 18.63
C ASP A 279 45.91 31.40 18.36
N LYS A 280 46.53 30.77 17.38
CA LYS A 280 46.14 29.48 16.89
C LYS A 280 47.34 28.61 16.85
N PRO A 281 47.82 28.17 17.98
CA PRO A 281 49.03 27.32 17.82
C PRO A 281 48.67 25.98 17.26
N ASP A 282 49.71 25.27 16.91
CA ASP A 282 49.53 23.95 16.30
C ASP A 282 49.38 22.98 17.49
N LEU A 283 48.17 22.59 17.77
CA LEU A 283 47.82 21.85 18.96
C LEU A 283 46.80 20.89 18.43
N GLY A 284 46.49 19.84 19.14
CA GLY A 284 45.37 19.06 18.68
C GLY A 284 44.06 19.60 19.27
N TYR A 285 44.09 20.57 20.17
CA TYR A 285 42.85 21.15 20.68
C TYR A 285 41.86 20.24 21.45
N PHE A 286 42.48 19.33 22.20
CA PHE A 286 41.82 18.44 23.15
C PHE A 286 41.38 19.28 24.35
N PHE A 287 40.42 18.75 25.06
CA PHE A 287 39.94 19.44 26.26
C PHE A 287 41.07 19.82 27.17
N ASP A 288 42.00 18.90 27.38
CA ASP A 288 43.12 19.14 28.24
C ASP A 288 44.05 20.28 27.80
N ASP A 289 44.17 20.53 26.46
CA ASP A 289 44.83 21.77 25.97
C ASP A 289 44.09 22.98 26.44
N HIS A 290 42.78 22.96 26.28
CA HIS A 290 42.00 24.12 26.69
C HIS A 290 42.04 24.33 28.23
N VAL A 291 42.10 23.23 28.97
CA VAL A 291 42.26 23.28 30.46
C VAL A 291 43.51 24.04 30.79
N ARG A 292 44.63 23.69 30.16
CA ARG A 292 45.85 24.40 30.42
C ARG A 292 45.84 25.87 30.03
N PHE A 293 45.32 26.19 28.81
CA PHE A 293 45.27 27.58 28.40
C PHE A 293 44.32 28.38 29.36
N MET A 294 43.21 27.79 29.78
CA MET A 294 42.25 28.58 30.61
C MET A 294 42.78 28.80 32.05
N ASP A 295 43.48 27.80 32.58
CA ASP A 295 44.14 27.95 33.90
C ASP A 295 45.18 29.02 33.81
N ALA A 296 46.02 28.96 32.78
CA ALA A 296 47.07 29.98 32.62
C ALA A 296 46.46 31.37 32.25
N PHE A 297 45.31 31.37 31.55
CA PHE A 297 44.61 32.67 31.36
C PHE A 297 44.27 33.33 32.71
N ILE A 298 43.58 32.60 33.55
CA ILE A 298 43.06 33.07 34.83
C ILE A 298 44.19 33.55 35.68
N GLU A 299 45.34 32.84 35.67
CA GLU A 299 46.53 33.24 36.45
C GLU A 299 47.23 34.41 35.82
N ALA A 300 47.27 34.50 34.49
CA ALA A 300 47.88 35.67 33.89
C ALA A 300 47.04 36.89 34.15
N LEU A 301 45.77 36.77 34.39
CA LEU A 301 45.03 37.99 34.77
C LEU A 301 45.21 38.35 36.29
N GLY A 302 45.88 37.52 37.05
CA GLY A 302 45.93 37.72 38.51
C GLY A 302 44.62 37.52 39.20
N LEU A 303 43.66 36.82 38.58
CA LEU A 303 42.30 36.78 39.20
C LEU A 303 42.30 35.97 40.52
N GLU A 304 41.48 36.37 41.47
CA GLU A 304 41.39 35.60 42.73
C GLU A 304 40.09 34.91 42.84
N GLU A 305 39.08 35.61 43.35
CA GLU A 305 37.75 35.03 43.45
C GLU A 305 37.00 35.60 42.19
N VAL A 306 36.09 34.81 41.61
CA VAL A 306 35.34 35.13 40.44
C VAL A 306 33.95 34.58 40.52
N VAL A 307 33.05 35.17 39.73
CA VAL A 307 31.74 34.54 39.36
C VAL A 307 31.91 33.99 37.94
N LEU A 308 31.42 32.79 37.68
CA LEU A 308 31.57 32.13 36.38
C LEU A 308 30.25 32.23 35.66
N VAL A 309 30.27 32.51 34.34
CA VAL A 309 29.07 32.44 33.55
C VAL A 309 29.47 31.59 32.36
N ILE A 310 28.85 30.43 32.14
CA ILE A 310 29.52 29.52 31.27
C ILE A 310 28.53 28.79 30.43
N HIS A 311 28.98 28.37 29.26
CA HIS A 311 28.16 27.72 28.27
C HIS A 311 28.94 26.60 27.52
N ASP A 312 28.32 25.43 27.32
CA ASP A 312 28.85 24.35 26.32
C ASP A 312 30.29 23.94 26.80
N TRP A 313 31.29 23.93 25.96
CA TRP A 313 32.60 23.53 26.45
C TRP A 313 33.21 24.52 27.48
N GLY A 314 32.76 25.76 27.44
CA GLY A 314 33.09 26.77 28.51
C GLY A 314 32.60 26.32 29.87
N SER A 315 31.46 25.60 29.88
CA SER A 315 30.95 25.03 31.12
C SER A 315 31.82 23.86 31.65
N ALA A 316 32.31 23.02 30.74
CA ALA A 316 33.27 22.01 31.19
C ALA A 316 34.50 22.64 31.73
N LEU A 317 35.06 23.65 31.07
CA LEU A 317 36.22 24.31 31.61
C LEU A 317 35.91 24.95 32.97
N GLY A 318 34.78 25.65 33.05
CA GLY A 318 34.45 26.36 34.27
C GLY A 318 34.21 25.48 35.45
N PHE A 319 33.44 24.42 35.24
CA PHE A 319 33.10 23.53 36.33
C PHE A 319 34.33 22.79 36.78
N HIS A 320 35.15 22.37 35.78
CA HIS A 320 36.36 21.65 36.15
C HIS A 320 37.30 22.56 36.96
N TRP A 321 37.41 23.84 36.59
CA TRP A 321 38.19 24.79 37.32
C TRP A 321 37.57 25.05 38.70
N ALA A 322 36.24 25.07 38.77
CA ALA A 322 35.55 25.36 40.05
C ALA A 322 35.81 24.28 40.99
N LYS A 323 35.68 23.01 40.55
CA LYS A 323 36.00 21.84 41.39
C LYS A 323 37.39 21.91 41.88
N ARG A 324 38.35 22.31 41.05
CA ARG A 324 39.70 22.38 41.56
C ARG A 324 39.98 23.60 42.44
N ASN A 325 39.15 24.66 42.44
CA ASN A 325 39.49 25.95 43.08
C ASN A 325 38.20 26.43 43.75
N PRO A 326 37.53 25.57 44.52
CA PRO A 326 36.19 25.86 44.99
C PRO A 326 36.12 27.10 45.97
N GLU A 327 37.17 27.48 46.64
CA GLU A 327 37.13 28.67 47.50
C GLU A 327 37.13 29.95 46.68
N ARG A 328 37.51 29.87 45.39
CA ARG A 328 37.62 31.02 44.54
C ARG A 328 36.35 31.32 43.73
N VAL A 329 35.37 30.43 43.74
CA VAL A 329 34.19 30.61 43.00
C VAL A 329 33.00 31.05 43.82
N LYS A 330 32.47 32.26 43.55
CA LYS A 330 31.36 32.84 44.35
C LYS A 330 30.06 32.60 43.73
N GLY A 331 30.02 32.12 42.48
CA GLY A 331 28.68 31.78 41.91
C GLY A 331 28.91 31.24 40.50
N ILE A 332 27.99 30.42 40.03
CA ILE A 332 28.02 29.91 38.69
C ILE A 332 26.64 30.07 38.07
N ALA A 333 26.62 30.85 36.99
CA ALA A 333 25.56 30.87 36.04
C ALA A 333 25.97 30.06 34.77
N PHE A 334 25.07 29.18 34.39
CA PHE A 334 25.33 28.20 33.37
C PHE A 334 24.09 27.93 32.56
N MET A 335 24.38 27.44 31.36
CA MET A 335 23.39 27.09 30.42
C MET A 335 23.94 26.13 29.40
N GLU A 336 23.16 25.15 28.98
CA GLU A 336 23.48 24.30 27.83
C GLU A 336 24.93 23.74 27.96
N PHE A 337 25.08 23.04 29.09
CA PHE A 337 26.33 22.67 29.64
C PHE A 337 26.63 21.23 29.38
N ILE A 338 27.93 20.90 29.55
CA ILE A 338 28.34 19.49 29.25
C ILE A 338 28.01 18.68 30.45
N ARG A 339 27.30 17.60 30.20
CA ARG A 339 27.05 16.57 31.18
C ARG A 339 27.19 15.28 30.39
N PRO A 340 27.40 14.17 31.09
CA PRO A 340 27.47 12.95 30.33
C PRO A 340 26.16 12.49 29.72
N ILE A 341 26.21 12.18 28.44
CA ILE A 341 25.07 11.79 27.68
C ILE A 341 25.29 10.28 27.58
N PRO A 342 24.51 9.53 28.33
CA PRO A 342 24.75 8.09 28.42
C PRO A 342 24.61 7.25 27.15
N THR A 343 23.75 7.65 26.23
CA THR A 343 23.53 6.88 25.01
C THR A 343 23.30 7.78 23.76
N TRP A 344 23.54 7.19 22.59
CA TRP A 344 23.21 7.82 21.33
C TRP A 344 21.68 7.90 20.99
N ASP A 345 20.87 7.10 21.67
CA ASP A 345 19.41 7.13 21.57
C ASP A 345 18.78 8.20 22.46
N GLU A 346 18.93 9.49 22.17
CA GLU A 346 18.43 10.54 23.14
C GLU A 346 18.19 11.91 22.52
N TRP A 347 17.46 12.76 23.29
CA TRP A 347 16.84 14.11 22.91
C TRP A 347 17.78 15.15 22.22
N PRO A 348 19.14 14.87 22.16
CA PRO A 348 19.99 15.52 21.09
C PRO A 348 20.10 14.70 19.73
N PHE A 349 20.48 13.43 19.76
CA PHE A 349 21.03 12.74 18.58
C PHE A 349 20.05 11.85 17.73
N ALA A 350 18.89 11.51 18.29
CA ALA A 350 17.73 10.88 17.62
C ALA A 350 16.51 11.31 18.43
N ARG A 351 15.35 11.36 17.76
CA ARG A 351 14.04 11.51 18.40
C ARG A 351 13.40 10.11 18.52
N ASP A 352 12.32 10.05 19.33
CA ASP A 352 11.42 8.87 19.49
C ASP A 352 10.07 9.18 18.82
N GLN A 353 10.08 9.18 17.51
CA GLN A 353 9.11 9.90 16.74
C GLN A 353 9.58 9.55 15.35
N LEU A 354 8.91 8.56 14.76
CA LEU A 354 9.07 8.19 13.37
C LEU A 354 8.50 9.35 12.56
N THR A 355 9.03 9.62 11.38
CA THR A 355 8.46 10.65 10.51
C THR A 355 7.10 10.20 9.89
N GLU A 356 6.46 11.08 9.15
CA GLU A 356 5.23 10.71 8.50
C GLU A 356 5.48 9.84 7.28
N GLU A 357 6.63 10.01 6.61
CA GLU A 357 6.93 9.26 5.37
C GLU A 357 7.28 7.86 5.84
N GLN A 358 7.96 7.76 6.99
CA GLN A 358 8.36 6.50 7.58
C GLN A 358 7.14 5.68 7.93
N ILE A 359 6.13 6.32 8.53
CA ILE A 359 4.88 5.65 8.87
C ILE A 359 4.14 5.22 7.66
N ALA A 360 4.09 6.08 6.64
CA ALA A 360 3.42 5.68 5.40
C ALA A 360 4.08 4.49 4.72
N GLU A 361 5.41 4.47 4.64
CA GLU A 361 6.16 3.33 4.07
C GLU A 361 5.91 2.05 4.95
N PHE A 362 5.88 2.22 6.30
CA PHE A 362 5.56 1.10 7.17
C PHE A 362 4.11 0.66 6.99
N LYS A 363 3.21 1.59 6.66
CA LYS A 363 1.85 1.18 6.39
C LYS A 363 1.73 0.35 5.10
N GLU A 364 2.46 0.73 4.09
CA GLU A 364 2.53 -0.11 2.86
C GLU A 364 3.13 -1.48 3.21
N ALA A 365 4.16 -1.54 4.07
CA ALA A 365 4.69 -2.86 4.39
C ALA A 365 3.68 -3.67 5.12
N PHE A 366 2.92 -3.04 6.01
CA PHE A 366 1.92 -3.80 6.75
C PHE A 366 0.85 -4.41 5.83
N SER A 367 0.47 -3.58 4.84
CA SER A 367 -0.49 -4.00 3.80
C SER A 367 -0.11 -5.13 2.98
N LEU A 368 1.14 -5.28 2.68
CA LEU A 368 1.64 -6.51 1.99
C LEU A 368 1.30 -7.82 2.73
N PHE A 369 1.42 -7.72 4.06
CA PHE A 369 0.97 -8.88 4.87
C PHE A 369 -0.51 -9.02 5.08
N ASP A 370 -1.12 -7.90 5.41
CA ASP A 370 -2.54 -7.88 5.78
C ASP A 370 -3.36 -7.85 4.49
N LYS A 371 -3.36 -8.96 3.78
CA LYS A 371 -3.75 -8.92 2.37
C LYS A 371 -5.23 -8.72 2.23
N ASP A 372 -6.02 -9.10 3.25
CA ASP A 372 -7.45 -8.88 3.24
C ASP A 372 -7.86 -7.51 3.74
N GLY A 373 -6.89 -6.71 4.13
CA GLY A 373 -7.19 -5.38 4.57
C GLY A 373 -7.86 -5.25 5.95
N ASP A 374 -7.97 -6.28 6.77
CA ASP A 374 -8.69 -6.05 8.06
C ASP A 374 -7.90 -5.33 9.15
N GLY A 375 -6.67 -4.89 8.91
CA GLY A 375 -5.97 -4.28 10.01
C GLY A 375 -5.21 -5.21 11.03
N THR A 376 -5.28 -6.50 10.85
CA THR A 376 -4.51 -7.40 11.64
C THR A 376 -3.84 -8.43 10.73
N ILE A 377 -2.57 -8.77 10.98
CA ILE A 377 -1.84 -9.86 10.34
C ILE A 377 -1.99 -11.13 11.14
N THR A 378 -2.45 -12.18 10.51
CA THR A 378 -2.61 -13.51 11.10
C THR A 378 -1.49 -14.44 10.61
N THR A 379 -1.36 -15.60 11.25
CA THR A 379 -0.47 -16.64 10.79
C THR A 379 -0.75 -17.07 9.33
N LYS A 380 -2.00 -17.24 8.91
CA LYS A 380 -2.30 -17.58 7.54
C LYS A 380 -1.70 -16.59 6.54
N GLU A 381 -1.85 -15.32 6.87
CA GLU A 381 -1.33 -14.24 6.04
C GLU A 381 0.15 -14.21 5.95
N LEU A 382 0.80 -14.48 7.10
CA LEU A 382 2.22 -14.63 7.10
C LEU A 382 2.58 -15.90 6.33
N GLY A 383 1.75 -16.95 6.41
CA GLY A 383 2.06 -18.21 5.70
C GLY A 383 2.00 -17.97 4.18
N THR A 384 1.07 -17.12 3.77
CA THR A 384 0.84 -16.85 2.37
C THR A 384 2.07 -16.19 1.88
N VAL A 385 2.56 -15.17 2.59
CA VAL A 385 3.80 -14.52 2.10
C VAL A 385 4.99 -15.47 2.14
N MET A 386 5.12 -16.27 3.19
CA MET A 386 6.26 -17.13 3.32
C MET A 386 6.24 -18.23 2.22
N ARG A 387 5.08 -18.79 1.91
CA ARG A 387 5.05 -19.78 0.80
C ARG A 387 5.36 -19.03 -0.53
N SER A 388 4.83 -17.83 -0.75
CA SER A 388 5.20 -17.14 -2.00
C SER A 388 6.73 -16.87 -2.19
N LEU A 389 7.51 -16.78 -1.10
CA LEU A 389 8.98 -16.63 -1.15
C LEU A 389 9.73 -17.95 -1.32
N GLY A 390 8.98 -19.05 -1.43
CA GLY A 390 9.54 -20.41 -1.61
C GLY A 390 9.59 -21.29 -0.38
N GLN A 391 9.42 -20.76 0.84
CA GLN A 391 9.63 -21.54 2.05
C GLN A 391 8.31 -22.26 2.42
N ASN A 392 8.33 -23.17 3.40
CA ASN A 392 7.14 -23.95 3.79
C ASN A 392 7.01 -24.02 5.32
N PRO A 393 6.54 -22.94 5.91
CA PRO A 393 6.61 -22.85 7.36
C PRO A 393 5.50 -23.68 7.95
N THR A 394 5.74 -24.26 9.10
CA THR A 394 4.68 -24.93 9.81
C THR A 394 3.82 -23.91 10.52
N GLU A 395 2.63 -24.32 10.95
CA GLU A 395 1.87 -23.52 11.89
C GLU A 395 2.70 -23.02 13.06
N ALA A 396 3.49 -23.88 13.70
CA ALA A 396 4.12 -23.53 14.94
C ALA A 396 5.16 -22.44 14.61
N GLU A 397 5.82 -22.52 13.44
CA GLU A 397 6.81 -21.53 13.01
C GLU A 397 6.24 -20.10 12.79
N LEU A 398 5.06 -20.09 12.19
CA LEU A 398 4.28 -18.89 11.94
C LEU A 398 3.73 -18.27 13.21
N GLN A 399 3.22 -19.11 14.12
CA GLN A 399 2.77 -18.67 15.45
C GLN A 399 3.94 -18.03 16.11
N ASP A 400 5.12 -18.61 15.98
CA ASP A 400 6.29 -18.00 16.66
C ASP A 400 6.83 -16.70 16.06
N MET A 401 6.69 -16.59 14.77
CA MET A 401 6.93 -15.38 14.08
C MET A 401 6.01 -14.25 14.61
N ILE A 402 4.74 -14.57 14.85
CA ILE A 402 3.77 -13.66 15.53
C ILE A 402 4.12 -13.40 16.98
N ASN A 403 4.57 -14.46 17.69
CA ASN A 403 4.99 -14.33 19.12
C ASN A 403 6.16 -13.37 19.35
N GLU A 404 6.98 -13.22 18.33
CA GLU A 404 8.02 -12.20 18.28
C GLU A 404 7.59 -10.73 18.17
N VAL A 405 6.37 -10.49 17.72
CA VAL A 405 5.90 -9.15 17.43
C VAL A 405 4.66 -8.77 18.25
N ASP A 406 3.74 -9.72 18.43
CA ASP A 406 2.51 -9.56 19.24
C ASP A 406 2.89 -9.15 20.63
N ALA A 407 2.44 -7.95 21.03
CA ALA A 407 2.65 -7.35 22.33
C ALA A 407 1.44 -7.36 23.22
N ASP A 408 0.43 -8.07 22.88
CA ASP A 408 -0.61 -8.20 23.88
C ASP A 408 -1.05 -9.65 24.16
N GLY A 409 -0.79 -10.58 23.24
CA GLY A 409 -1.13 -11.99 23.47
C GLY A 409 -2.29 -12.53 22.70
N ASN A 410 -3.00 -11.70 21.95
CA ASN A 410 -4.15 -12.18 21.22
C ASN A 410 -3.72 -12.99 19.94
N GLY A 411 -2.45 -13.04 19.61
CA GLY A 411 -2.00 -13.87 18.56
C GLY A 411 -2.09 -13.37 17.13
N THR A 412 -2.30 -12.07 16.95
CA THR A 412 -2.25 -11.45 15.61
C THR A 412 -1.41 -10.18 15.80
N ILE A 413 -1.04 -9.52 14.73
CA ILE A 413 -0.26 -8.31 14.83
C ILE A 413 -1.11 -7.12 14.31
N ASP A 414 -1.30 -6.07 15.10
CA ASP A 414 -1.92 -4.82 14.61
C ASP A 414 -0.81 -3.85 14.29
N PHE A 415 -1.15 -2.81 13.62
CA PHE A 415 -0.19 -1.86 13.14
C PHE A 415 0.63 -1.16 14.23
N PRO A 416 0.04 -0.81 15.39
CA PRO A 416 0.95 -0.23 16.41
C PRO A 416 2.07 -1.26 16.81
N GLU A 417 1.81 -2.55 16.91
CA GLU A 417 2.91 -3.54 17.27
C GLU A 417 3.91 -3.66 16.13
N PHE A 418 3.41 -3.50 14.90
CA PHE A 418 4.26 -3.45 13.74
C PHE A 418 5.19 -2.33 13.80
N LEU A 419 4.69 -1.17 14.15
CA LEU A 419 5.57 0.01 14.31
C LEU A 419 6.56 -0.10 15.47
N THR A 420 6.13 -0.69 16.60
CA THR A 420 7.04 -1.06 17.70
C THR A 420 8.18 -1.91 17.21
N MET A 421 7.83 -2.96 16.47
CA MET A 421 8.84 -3.83 15.90
C MET A 421 9.85 -3.03 15.03
N MET A 422 9.34 -2.15 14.18
CA MET A 422 10.24 -1.41 13.23
C MET A 422 10.98 -0.28 13.83
N ALA A 423 10.42 0.38 14.83
CA ALA A 423 11.21 1.42 15.58
C ALA A 423 12.49 0.81 16.13
N ARG A 424 12.33 -0.38 16.69
CA ARG A 424 13.51 -1.08 17.17
C ARG A 424 14.40 -1.61 16.04
N LYS A 425 13.79 -2.27 15.06
CA LYS A 425 14.62 -2.73 13.88
C LYS A 425 15.53 -1.64 13.28
N MET A 426 14.98 -0.44 13.18
CA MET A 426 15.69 0.70 12.65
C MET A 426 16.90 1.15 13.41
N LYS A 427 17.04 0.86 14.70
CA LYS A 427 18.30 1.27 15.45
C LYS A 427 19.50 0.37 15.19
N ASP A 428 19.21 -0.89 15.01
CA ASP A 428 20.23 -1.86 14.76
C ASP A 428 19.65 -2.81 13.76
N THR A 429 19.96 -2.54 12.51
CA THR A 429 19.85 -3.50 11.41
C THR A 429 21.24 -4.18 11.33
N ASP A 430 22.13 -3.79 12.28
CA ASP A 430 23.56 -3.87 12.18
C ASP A 430 24.24 -5.17 12.79
N SER A 431 23.51 -6.16 13.37
CA SER A 431 24.10 -7.34 14.08
C SER A 431 25.22 -7.98 13.32
N GLU A 432 24.99 -8.59 12.15
CA GLU A 432 25.94 -9.64 11.67
C GLU A 432 25.15 -10.92 11.47
N GLU A 433 24.63 -11.42 12.56
CA GLU A 433 23.47 -12.29 12.49
C GLU A 433 22.28 -11.66 11.69
N GLU A 434 22.02 -10.36 11.86
CA GLU A 434 20.90 -9.75 11.21
C GLU A 434 21.18 -9.60 9.72
N ILE A 435 22.43 -9.35 9.39
CA ILE A 435 22.86 -9.21 8.04
C ILE A 435 22.81 -10.52 7.32
N ARG A 436 23.27 -11.60 7.96
CA ARG A 436 23.18 -12.93 7.40
C ARG A 436 21.74 -13.32 7.24
N GLU A 437 20.89 -13.00 8.20
CA GLU A 437 19.48 -13.34 8.05
C GLU A 437 18.85 -12.60 6.86
N ALA A 438 19.21 -11.34 6.67
CA ALA A 438 18.65 -10.59 5.49
C ALA A 438 19.23 -11.23 4.19
N PHE A 439 20.48 -11.62 4.22
CA PHE A 439 21.09 -12.18 3.00
C PHE A 439 20.35 -13.45 2.58
N ARG A 440 20.05 -14.28 3.54
CA ARG A 440 19.27 -15.48 3.30
C ARG A 440 17.95 -15.37 2.63
N VAL A 441 17.24 -14.27 2.90
CA VAL A 441 15.96 -14.03 2.26
C VAL A 441 16.22 -13.66 0.83
N PHE A 442 17.26 -12.85 0.56
CA PHE A 442 17.57 -12.57 -0.89
C PHE A 442 18.05 -13.84 -1.65
N ASP A 443 18.93 -14.58 -1.01
CA ASP A 443 19.57 -15.82 -1.60
C ASP A 443 18.62 -17.02 -1.40
N LYS A 444 17.66 -17.01 -2.29
CA LYS A 444 16.53 -17.91 -2.09
C LYS A 444 16.96 -19.38 -2.11
N ASP A 445 17.88 -19.76 -3.02
CA ASP A 445 18.27 -21.22 -3.04
C ASP A 445 19.32 -21.54 -2.02
N GLY A 446 19.91 -20.54 -1.38
CA GLY A 446 20.88 -20.83 -0.33
C GLY A 446 22.32 -21.19 -0.83
N ASN A 447 22.65 -20.80 -2.06
CA ASN A 447 23.93 -21.16 -2.64
C ASN A 447 25.00 -20.11 -2.37
N GLY A 448 24.67 -19.01 -1.61
CA GLY A 448 25.68 -18.01 -1.26
C GLY A 448 25.74 -16.95 -2.35
N TYR A 449 24.88 -16.96 -3.34
CA TYR A 449 24.87 -15.84 -4.34
C TYR A 449 23.42 -15.36 -4.55
N ILE A 450 23.30 -14.03 -4.57
CA ILE A 450 22.06 -13.41 -4.95
C ILE A 450 22.11 -13.13 -6.44
N SER A 451 21.30 -13.89 -7.16
CA SER A 451 21.21 -13.68 -8.61
C SER A 451 20.12 -12.66 -8.94
N ALA A 452 20.19 -12.20 -10.14
CA ALA A 452 19.14 -11.31 -10.68
C ALA A 452 17.74 -11.94 -10.63
N ALA A 453 17.65 -13.22 -10.93
CA ALA A 453 16.37 -13.89 -10.83
C ALA A 453 15.86 -13.90 -9.40
N GLU A 454 16.72 -14.19 -8.46
CA GLU A 454 16.32 -14.23 -7.08
C GLU A 454 15.80 -12.90 -6.60
N LEU A 455 16.51 -11.83 -6.96
CA LEU A 455 16.17 -10.50 -6.58
C LEU A 455 14.78 -10.12 -7.06
N ARG A 456 14.46 -10.46 -8.29
CA ARG A 456 13.18 -10.11 -8.81
C ARG A 456 12.11 -10.91 -8.12
N HIS A 457 12.34 -12.21 -7.93
CA HIS A 457 11.30 -12.99 -7.25
C HIS A 457 11.07 -12.50 -5.78
N VAL A 458 12.13 -12.13 -5.10
CA VAL A 458 11.99 -11.82 -3.66
C VAL A 458 11.27 -10.43 -3.57
N MET A 459 11.68 -9.47 -4.39
CA MET A 459 11.12 -8.10 -4.39
C MET A 459 9.66 -8.11 -4.80
N THR A 460 9.35 -8.90 -5.83
CA THR A 460 7.94 -8.99 -6.29
C THR A 460 7.04 -9.56 -5.24
N ASN A 461 7.48 -10.65 -4.60
CA ASN A 461 6.69 -11.24 -3.53
C ASN A 461 6.61 -10.43 -2.20
N LEU A 462 7.51 -9.48 -2.05
CA LEU A 462 7.40 -8.44 -1.02
C LEU A 462 6.81 -7.11 -1.50
N GLY A 463 6.16 -7.13 -2.69
CA GLY A 463 5.41 -6.02 -3.30
C GLY A 463 6.22 -4.88 -3.86
N GLU A 464 7.52 -5.05 -4.14
CA GLU A 464 8.32 -4.03 -4.78
C GLU A 464 8.43 -4.42 -6.27
N LYS A 465 8.45 -3.47 -7.17
CA LYS A 465 8.14 -3.79 -8.60
C LYS A 465 9.24 -3.21 -9.38
N LEU A 466 10.33 -3.92 -9.54
CA LEU A 466 11.55 -3.30 -10.02
C LEU A 466 11.64 -3.62 -11.51
N THR A 467 12.07 -2.62 -12.28
CA THR A 467 12.26 -2.75 -13.70
C THR A 467 13.60 -3.41 -13.92
N ASP A 468 13.77 -3.92 -15.11
CA ASP A 468 15.10 -4.52 -15.45
C ASP A 468 16.28 -3.60 -15.19
N GLU A 469 16.16 -2.30 -15.50
CA GLU A 469 17.33 -1.38 -15.39
C GLU A 469 17.58 -1.25 -13.88
N GLU A 470 16.52 -1.21 -13.08
CA GLU A 470 16.71 -1.10 -11.63
C GLU A 470 17.31 -2.34 -10.99
N VAL A 471 16.86 -3.50 -11.39
CA VAL A 471 17.44 -4.76 -10.89
C VAL A 471 18.94 -4.78 -11.24
N ASP A 472 19.25 -4.62 -12.53
CA ASP A 472 20.69 -4.61 -12.95
C ASP A 472 21.45 -3.54 -12.24
N GLU A 473 20.86 -2.39 -12.09
CA GLU A 473 21.62 -1.38 -11.38
C GLU A 473 21.78 -1.70 -9.84
N MET A 474 20.75 -2.25 -9.22
CA MET A 474 20.87 -2.59 -7.77
C MET A 474 22.05 -3.61 -7.62
N ILE A 475 22.03 -4.67 -8.46
CA ILE A 475 23.08 -5.68 -8.44
C ILE A 475 24.43 -5.07 -8.79
N ARG A 476 24.48 -4.31 -9.87
CA ARG A 476 25.74 -3.70 -10.33
C ARG A 476 26.40 -2.89 -9.23
N GLU A 477 25.68 -2.05 -8.54
CA GLU A 477 26.32 -1.30 -7.44
C GLU A 477 27.05 -2.24 -6.42
N ALA A 478 26.51 -3.40 -6.12
CA ALA A 478 27.12 -4.19 -5.05
C ALA A 478 28.20 -5.23 -5.53
N ASP A 479 28.19 -5.51 -6.82
CA ASP A 479 28.83 -6.64 -7.41
C ASP A 479 30.26 -6.23 -7.71
N ILE A 480 31.10 -6.28 -6.71
CA ILE A 480 32.45 -5.81 -6.84
C ILE A 480 33.26 -6.71 -7.78
N ASP A 481 33.08 -8.04 -7.77
CA ASP A 481 33.87 -8.86 -8.74
C ASP A 481 33.33 -8.87 -10.18
N GLY A 482 32.17 -8.25 -10.40
CA GLY A 482 31.57 -8.25 -11.70
C GLY A 482 31.05 -9.59 -12.22
N ASP A 483 30.85 -10.62 -11.38
CA ASP A 483 30.11 -11.81 -11.87
C ASP A 483 28.55 -11.63 -12.07
N GLY A 484 27.95 -10.45 -12.07
CA GLY A 484 26.46 -10.34 -12.10
C GLY A 484 25.61 -10.89 -10.92
N GLN A 485 26.28 -11.20 -9.81
CA GLN A 485 25.68 -11.79 -8.63
C GLN A 485 26.19 -11.10 -7.40
N VAL A 486 25.50 -11.23 -6.26
CA VAL A 486 25.94 -10.59 -5.02
C VAL A 486 26.13 -11.63 -3.99
N ASN A 487 27.38 -11.87 -3.65
CA ASN A 487 27.76 -12.84 -2.64
C ASN A 487 27.72 -12.19 -1.29
N TYR A 488 28.00 -13.01 -0.28
CA TYR A 488 27.99 -12.56 1.08
C TYR A 488 28.90 -11.35 1.39
N GLU A 489 30.17 -11.46 1.07
CA GLU A 489 31.09 -10.36 1.35
C GLU A 489 30.63 -9.07 0.74
N GLU A 490 30.16 -9.15 -0.50
CA GLU A 490 29.68 -7.97 -1.18
C GLU A 490 28.41 -7.36 -0.51
N PHE A 491 27.49 -8.21 -0.06
CA PHE A 491 26.31 -7.78 0.63
C PHE A 491 26.72 -7.13 1.99
N VAL A 492 27.59 -7.78 2.76
CA VAL A 492 28.07 -7.24 4.02
C VAL A 492 28.68 -5.84 3.74
N GLN A 493 29.53 -5.71 2.70
CA GLN A 493 30.11 -4.38 2.36
C GLN A 493 28.99 -3.29 2.13
N MET A 494 27.93 -3.60 1.41
CA MET A 494 26.83 -2.59 1.27
C MET A 494 26.15 -2.30 2.58
N MET A 495 26.02 -3.29 3.44
CA MET A 495 25.16 -3.14 4.62
C MET A 495 25.84 -2.42 5.77
N THR A 496 27.17 -2.38 5.76
CA THR A 496 27.98 -1.67 6.81
C THR A 496 28.73 -0.37 6.36
N ALA A 497 28.70 -0.02 5.07
CA ALA A 497 29.39 1.14 4.41
C ALA A 497 29.87 2.29 5.31
N ILE B 12 -60.18 -11.83 -16.38
CA ILE B 12 -59.84 -13.19 -17.13
C ILE B 12 -58.34 -13.37 -17.61
N PRO B 13 -57.50 -13.85 -16.75
CA PRO B 13 -56.09 -13.89 -17.02
C PRO B 13 -55.65 -14.92 -18.06
N ARG B 14 -54.44 -14.71 -18.49
CA ARG B 14 -53.69 -15.75 -19.21
C ARG B 14 -53.41 -16.94 -18.31
N LEU B 15 -53.21 -18.07 -18.97
CA LEU B 15 -52.87 -19.27 -18.29
C LEU B 15 -51.57 -19.09 -17.57
N ASP B 16 -50.62 -18.49 -18.24
CA ASP B 16 -49.27 -18.41 -17.67
C ASP B 16 -49.26 -17.56 -16.37
N THR B 17 -50.09 -16.55 -16.23
CA THR B 17 -50.24 -15.89 -14.95
C THR B 17 -50.74 -16.83 -13.89
N LEU B 18 -51.71 -17.71 -14.19
CA LEU B 18 -52.16 -18.66 -13.21
C LEU B 18 -51.01 -19.60 -12.78
N ILE B 19 -50.12 -20.03 -13.71
CA ILE B 19 -49.08 -20.94 -13.31
C ILE B 19 -48.11 -20.21 -12.42
N LEU B 20 -47.91 -18.91 -12.65
CA LEU B 20 -47.05 -18.09 -11.81
C LEU B 20 -47.55 -18.00 -10.41
N VAL B 21 -48.85 -17.75 -10.28
CA VAL B 21 -49.51 -17.58 -8.99
C VAL B 21 -49.44 -18.90 -8.23
N LYS B 22 -49.76 -20.00 -8.86
CA LYS B 22 -49.50 -21.35 -8.32
C LYS B 22 -48.05 -21.58 -7.85
N ALA B 23 -47.08 -21.32 -8.67
CA ALA B 23 -45.70 -21.47 -8.27
C ALA B 23 -45.30 -20.57 -7.05
N MET B 24 -45.95 -19.40 -6.89
CA MET B 24 -45.74 -18.61 -5.66
C MET B 24 -46.27 -19.31 -4.42
N GLY B 25 -47.49 -19.86 -4.50
CA GLY B 25 -48.02 -20.64 -3.43
C GLY B 25 -47.20 -21.87 -3.14
N HIS B 26 -46.67 -22.47 -4.19
CA HIS B 26 -45.78 -23.65 -3.97
C HIS B 26 -44.57 -23.28 -3.14
N ARG B 27 -43.99 -22.07 -3.38
CA ARG B 27 -42.91 -21.47 -2.64
C ARG B 27 -43.46 -20.97 -1.27
N LYS B 28 -44.75 -20.76 -1.09
CA LYS B 28 -45.30 -20.21 0.15
C LYS B 28 -44.76 -18.77 0.44
N ARG B 29 -44.48 -18.04 -0.65
CA ARG B 29 -44.32 -16.62 -0.59
C ARG B 29 -44.56 -15.84 -1.89
N PHE B 30 -44.89 -14.58 -1.67
CA PHE B 30 -44.89 -13.62 -2.71
C PHE B 30 -43.49 -13.45 -3.27
N GLY B 31 -43.37 -13.14 -4.53
CA GLY B 31 -42.08 -12.92 -5.14
C GLY B 31 -41.97 -13.77 -6.38
N ASN B 32 -41.03 -13.42 -7.22
CA ASN B 32 -40.90 -14.10 -8.43
C ASN B 32 -40.38 -15.47 -8.05
N PRO B 33 -41.12 -16.54 -8.39
CA PRO B 33 -40.71 -17.86 -8.01
C PRO B 33 -39.83 -18.57 -9.04
N PHE B 34 -39.43 -17.94 -10.13
CA PHE B 34 -38.64 -18.62 -11.11
C PHE B 34 -37.21 -18.16 -11.03
N ARG B 35 -36.95 -16.91 -11.44
CA ARG B 35 -35.65 -16.23 -11.29
C ARG B 35 -34.44 -16.88 -11.92
N PRO B 36 -34.59 -18.10 -12.50
CA PRO B 36 -33.46 -19.00 -12.16
C PRO B 36 -32.08 -18.22 -12.15
N LYS B 37 -31.72 -17.66 -10.97
CA LYS B 37 -30.59 -16.72 -10.72
C LYS B 37 -30.89 -15.32 -11.36
N GLU B 38 -30.54 -15.21 -12.67
CA GLU B 38 -30.25 -14.01 -13.53
C GLU B 38 -28.77 -14.18 -13.97
N THR B 39 -27.86 -13.67 -13.16
CA THR B 39 -26.45 -14.07 -13.06
C THR B 39 -25.54 -12.93 -13.63
N PHE B 40 -25.10 -13.00 -14.85
CA PHE B 40 -24.54 -11.82 -15.49
C PHE B 40 -25.56 -10.67 -15.48
N GLN B 41 -26.84 -10.93 -15.50
CA GLN B 41 -27.75 -9.80 -15.41
C GLN B 41 -27.65 -9.17 -14.10
N ALA B 42 -27.44 -10.00 -13.07
CA ALA B 42 -27.27 -9.50 -11.74
C ALA B 42 -26.03 -8.64 -11.52
N PHE B 43 -24.93 -9.10 -12.07
CA PHE B 43 -23.65 -8.39 -12.06
C PHE B 43 -23.77 -7.01 -12.67
N ARG B 44 -24.62 -6.88 -13.66
CA ARG B 44 -24.89 -5.60 -14.31
C ARG B 44 -26.08 -4.88 -13.72
N THR B 45 -26.59 -5.23 -12.53
CA THR B 45 -27.74 -4.49 -11.98
C THR B 45 -27.25 -3.83 -10.79
N THR B 46 -27.48 -2.54 -10.76
CA THR B 46 -26.63 -1.55 -10.07
C THR B 46 -25.79 -1.92 -8.84
N ASP B 47 -26.56 -2.12 -7.73
CA ASP B 47 -26.09 -2.44 -6.37
C ASP B 47 -25.99 -3.90 -6.11
N VAL B 48 -26.92 -4.68 -6.64
CA VAL B 48 -26.80 -6.15 -6.59
C VAL B 48 -25.48 -6.66 -7.13
N GLY B 49 -25.02 -6.14 -8.26
CA GLY B 49 -23.82 -6.65 -8.91
C GLY B 49 -22.60 -6.44 -8.11
N ARG B 50 -22.46 -5.26 -7.55
CA ARG B 50 -21.24 -5.00 -6.74
C ARG B 50 -21.22 -5.77 -5.38
N LYS B 51 -22.41 -5.95 -4.81
CA LYS B 51 -22.52 -6.77 -3.59
C LYS B 51 -22.03 -8.19 -3.95
N LEU B 52 -22.43 -8.75 -5.10
CA LEU B 52 -21.97 -10.07 -5.49
C LEU B 52 -20.49 -10.13 -5.74
N ILE B 53 -19.99 -9.21 -6.59
CA ILE B 53 -18.60 -9.30 -7.11
C ILE B 53 -17.60 -8.68 -6.21
N ILE B 54 -17.90 -7.53 -5.65
CA ILE B 54 -16.91 -6.87 -4.78
C ILE B 54 -17.06 -7.45 -3.33
N ASP B 55 -18.25 -7.53 -2.74
CA ASP B 55 -18.31 -7.90 -1.30
C ASP B 55 -18.20 -9.42 -1.08
N GLN B 56 -18.78 -10.22 -1.96
CA GLN B 56 -18.73 -11.65 -1.79
C GLN B 56 -17.81 -12.37 -2.76
N ASN B 57 -17.09 -11.65 -3.62
CA ASN B 57 -16.05 -12.21 -4.52
C ASN B 57 -16.60 -13.33 -5.43
N VAL B 58 -17.86 -13.24 -5.72
CA VAL B 58 -18.56 -14.24 -6.52
C VAL B 58 -17.89 -14.48 -7.84
N PHE B 59 -17.13 -13.52 -8.39
CA PHE B 59 -16.64 -13.65 -9.76
C PHE B 59 -15.46 -14.62 -9.73
N ILE B 60 -14.70 -14.56 -8.67
CA ILE B 60 -13.58 -15.47 -8.49
C ILE B 60 -14.02 -16.84 -7.99
N GLU B 61 -14.86 -16.80 -6.97
CA GLU B 61 -15.19 -18.02 -6.19
C GLU B 61 -16.29 -18.83 -6.91
N GLY B 62 -17.09 -18.21 -7.76
CA GLY B 62 -18.15 -18.94 -8.48
C GLY B 62 -17.97 -18.91 -10.00
N THR B 63 -17.92 -17.70 -10.57
CA THR B 63 -17.90 -17.57 -12.01
C THR B 63 -16.68 -18.17 -12.62
N LEU B 64 -15.53 -17.97 -12.02
CA LEU B 64 -14.31 -18.45 -12.67
C LEU B 64 -14.27 -20.03 -12.83
N PRO B 65 -14.52 -20.79 -11.70
CA PRO B 65 -14.62 -22.22 -11.79
C PRO B 65 -15.70 -22.62 -12.72
N MET B 66 -16.84 -21.95 -12.74
CA MET B 66 -17.84 -22.20 -13.82
C MET B 66 -17.36 -21.87 -15.25
N GLY B 67 -16.16 -21.34 -15.42
CA GLY B 67 -15.58 -21.17 -16.77
C GLY B 67 -14.59 -22.22 -17.20
N VAL B 68 -14.42 -23.25 -16.36
CA VAL B 68 -13.52 -24.36 -16.64
C VAL B 68 -14.26 -25.68 -16.49
N VAL B 69 -14.18 -26.56 -17.50
CA VAL B 69 -14.83 -27.89 -17.39
C VAL B 69 -14.28 -28.72 -16.21
N ARG B 70 -12.99 -29.03 -16.25
CA ARG B 70 -12.33 -29.69 -15.15
C ARG B 70 -12.33 -28.78 -13.89
N PRO B 71 -12.30 -29.40 -12.68
CA PRO B 71 -12.33 -28.55 -11.49
C PRO B 71 -10.93 -28.01 -11.31
N LEU B 72 -10.86 -26.75 -10.93
CA LEU B 72 -9.59 -26.15 -10.59
C LEU B 72 -9.18 -26.65 -9.22
N THR B 73 -7.89 -26.76 -9.01
CA THR B 73 -7.33 -27.27 -7.74
C THR B 73 -7.24 -26.06 -6.88
N GLU B 74 -6.95 -26.28 -5.65
CA GLU B 74 -6.86 -25.23 -4.68
C GLU B 74 -5.62 -24.44 -4.91
N VAL B 75 -4.57 -25.05 -5.43
CA VAL B 75 -3.40 -24.29 -5.71
C VAL B 75 -3.74 -23.32 -6.90
N GLU B 76 -4.51 -23.77 -7.88
CA GLU B 76 -4.81 -22.90 -9.02
C GLU B 76 -5.73 -21.76 -8.54
N MET B 77 -6.76 -22.09 -7.78
CA MET B 77 -7.64 -21.13 -7.17
C MET B 77 -6.91 -20.09 -6.37
N ASP B 78 -5.85 -20.48 -5.70
CA ASP B 78 -5.17 -19.46 -4.94
C ASP B 78 -4.32 -18.52 -5.72
N HIS B 79 -3.78 -18.99 -6.82
CA HIS B 79 -3.15 -18.07 -7.72
C HIS B 79 -4.14 -16.99 -8.30
N TYR B 80 -5.38 -17.36 -8.54
CA TYR B 80 -6.37 -16.49 -9.18
C TYR B 80 -6.95 -15.54 -8.15
N ARG B 81 -7.12 -16.04 -6.93
CA ARG B 81 -7.59 -15.25 -5.85
C ARG B 81 -6.62 -14.14 -5.56
N GLU B 82 -5.34 -14.42 -5.66
CA GLU B 82 -4.37 -13.60 -4.98
C GLU B 82 -4.42 -12.11 -5.14
N PRO B 83 -4.58 -11.64 -6.40
CA PRO B 83 -4.73 -10.22 -6.65
C PRO B 83 -5.90 -9.53 -5.97
N PHE B 84 -6.93 -10.30 -5.57
CA PHE B 84 -8.21 -9.81 -5.14
C PHE B 84 -8.62 -10.11 -3.68
N LEU B 85 -7.64 -10.42 -2.89
CA LEU B 85 -7.83 -10.80 -1.47
C LEU B 85 -8.46 -9.63 -0.70
N ASN B 86 -8.03 -8.41 -1.04
CA ASN B 86 -8.54 -7.24 -0.43
C ASN B 86 -9.78 -6.77 -1.18
N PRO B 87 -10.95 -6.70 -0.54
CA PRO B 87 -12.17 -6.34 -1.34
C PRO B 87 -12.13 -5.01 -2.15
N VAL B 88 -11.35 -4.03 -1.72
CA VAL B 88 -11.22 -2.80 -2.38
C VAL B 88 -10.46 -2.95 -3.72
N ASP B 89 -9.79 -4.09 -3.98
CA ASP B 89 -9.00 -4.30 -5.24
C ASP B 89 -9.85 -5.02 -6.29
N ARG B 90 -11.14 -5.13 -6.02
CA ARG B 90 -11.99 -5.87 -6.92
C ARG B 90 -12.71 -5.08 -8.01
N GLU B 91 -12.44 -3.79 -8.08
CA GLU B 91 -13.17 -3.03 -9.08
C GLU B 91 -13.07 -3.63 -10.49
N PRO B 92 -11.88 -4.12 -10.95
CA PRO B 92 -11.85 -4.54 -12.38
C PRO B 92 -12.80 -5.72 -12.62
N LEU B 93 -13.06 -6.51 -11.58
CA LEU B 93 -13.85 -7.69 -11.71
C LEU B 93 -15.27 -7.36 -11.90
N TRP B 94 -15.67 -6.19 -11.40
CA TRP B 94 -17.11 -5.77 -11.49
C TRP B 94 -17.37 -4.89 -12.76
N ARG B 95 -16.43 -4.02 -13.05
CA ARG B 95 -16.47 -3.20 -14.26
C ARG B 95 -16.48 -3.97 -15.56
N PHE B 96 -15.67 -5.00 -15.64
CA PHE B 96 -15.56 -5.75 -16.88
C PHE B 96 -16.87 -6.31 -17.31
N PRO B 97 -17.60 -6.95 -16.41
CA PRO B 97 -18.85 -7.44 -16.96
C PRO B 97 -19.91 -6.42 -17.24
N ASN B 98 -19.84 -5.26 -16.55
CA ASN B 98 -20.71 -4.10 -16.91
C ASN B 98 -20.27 -3.42 -18.23
N GLU B 99 -19.11 -3.84 -18.79
CA GLU B 99 -18.60 -3.40 -20.09
C GLU B 99 -18.92 -4.39 -21.24
N LEU B 100 -19.31 -5.63 -20.97
CA LEU B 100 -19.66 -6.49 -22.07
C LEU B 100 -20.77 -6.03 -22.94
N PRO B 101 -20.59 -6.17 -24.25
CA PRO B 101 -21.52 -5.71 -25.19
C PRO B 101 -22.73 -6.66 -25.40
N ILE B 102 -23.77 -6.43 -24.60
CA ILE B 102 -24.86 -7.32 -24.52
C ILE B 102 -26.10 -6.55 -24.70
N ALA B 103 -26.94 -7.03 -25.60
CA ALA B 103 -28.18 -6.36 -26.01
C ALA B 103 -27.99 -4.85 -26.22
N GLY B 104 -26.89 -4.47 -26.86
CA GLY B 104 -26.64 -3.11 -27.35
C GLY B 104 -26.06 -2.14 -26.34
N GLU B 105 -25.73 -2.63 -25.17
CA GLU B 105 -25.20 -1.85 -24.10
C GLU B 105 -24.01 -2.46 -23.45
N PRO B 106 -23.02 -1.67 -23.09
CA PRO B 106 -22.91 -0.24 -23.38
C PRO B 106 -22.60 0.10 -24.86
N ALA B 107 -23.17 1.20 -25.30
CA ALA B 107 -23.19 1.53 -26.67
C ALA B 107 -21.83 1.77 -27.27
N ASN B 108 -20.93 2.32 -26.45
CA ASN B 108 -19.59 2.57 -26.88
C ASN B 108 -18.80 1.29 -27.10
N ILE B 109 -18.94 0.33 -26.19
CA ILE B 109 -18.19 -0.92 -26.33
C ILE B 109 -18.75 -1.69 -27.52
N VAL B 110 -20.07 -1.70 -27.68
CA VAL B 110 -20.71 -2.37 -28.82
C VAL B 110 -20.15 -1.80 -30.13
N ALA B 111 -20.05 -0.47 -30.21
CA ALA B 111 -19.59 0.15 -31.45
C ALA B 111 -18.15 -0.21 -31.65
N LEU B 112 -17.33 -0.13 -30.65
CA LEU B 112 -15.97 -0.39 -30.99
C LEU B 112 -15.71 -1.88 -31.30
N VAL B 113 -16.43 -2.78 -30.67
CA VAL B 113 -16.34 -4.22 -30.96
C VAL B 113 -16.83 -4.50 -32.34
N GLU B 114 -17.89 -3.84 -32.77
CA GLU B 114 -18.40 -3.99 -34.08
C GLU B 114 -17.37 -3.49 -35.10
N GLU B 115 -16.63 -2.40 -34.77
CA GLU B 115 -15.69 -1.88 -35.71
C GLU B 115 -14.54 -2.85 -35.82
N TYR B 116 -14.04 -3.35 -34.70
CA TYR B 116 -12.99 -4.33 -34.84
C TYR B 116 -13.42 -5.66 -35.53
N MET B 117 -14.65 -6.13 -35.33
CA MET B 117 -15.11 -7.34 -36.00
C MET B 117 -15.23 -7.12 -37.52
N ASP B 118 -15.65 -5.94 -37.89
CA ASP B 118 -15.61 -5.51 -39.26
C ASP B 118 -14.22 -5.54 -39.85
N TRP B 119 -13.29 -4.84 -39.19
CA TRP B 119 -11.89 -4.87 -39.58
C TRP B 119 -11.42 -6.33 -39.75
N LEU B 120 -11.79 -7.17 -38.79
CA LEU B 120 -11.36 -8.56 -38.86
C LEU B 120 -11.99 -9.36 -40.07
N HIS B 121 -13.24 -9.13 -40.48
CA HIS B 121 -13.81 -9.80 -41.64
C HIS B 121 -13.19 -9.37 -43.02
N GLN B 122 -12.45 -8.24 -43.02
CA GLN B 122 -11.83 -7.67 -44.19
C GLN B 122 -10.33 -7.90 -44.15
N SER B 123 -9.72 -8.22 -43.03
CA SER B 123 -8.25 -8.21 -42.94
C SER B 123 -7.65 -9.56 -43.46
N PRO B 124 -6.52 -9.52 -44.18
CA PRO B 124 -5.79 -10.75 -44.49
C PRO B 124 -4.95 -11.31 -43.37
N VAL B 125 -4.86 -10.65 -42.22
CA VAL B 125 -3.96 -11.18 -41.16
C VAL B 125 -4.29 -12.64 -40.80
N PRO B 126 -3.32 -13.48 -40.71
CA PRO B 126 -3.62 -14.91 -40.49
C PRO B 126 -4.25 -15.05 -39.12
N LYS B 127 -5.29 -15.87 -39.06
CA LYS B 127 -6.02 -16.04 -37.80
C LYS B 127 -6.05 -17.50 -37.35
N LEU B 128 -5.89 -17.70 -36.08
CA LEU B 128 -6.06 -19.04 -35.47
C LEU B 128 -7.11 -18.95 -34.34
N LEU B 129 -8.27 -19.59 -34.56
CA LEU B 129 -9.38 -19.54 -33.60
C LEU B 129 -9.46 -20.86 -32.81
N PHE B 130 -9.35 -20.84 -31.49
CA PHE B 130 -9.63 -22.05 -30.68
C PHE B 130 -11.03 -21.88 -30.10
N TRP B 131 -11.77 -22.96 -30.05
CA TRP B 131 -13.13 -22.99 -29.53
C TRP B 131 -13.39 -24.33 -28.79
N GLY B 132 -14.41 -24.32 -27.94
CA GLY B 132 -14.76 -25.49 -27.17
C GLY B 132 -16.25 -25.64 -27.10
N THR B 133 -16.64 -26.84 -26.70
CA THR B 133 -18.02 -27.30 -26.68
C THR B 133 -18.29 -27.33 -25.15
N PRO B 134 -19.32 -26.65 -24.62
CA PRO B 134 -20.25 -25.72 -25.28
C PRO B 134 -19.87 -24.21 -25.30
N GLY B 135 -18.70 -23.86 -24.80
CA GLY B 135 -18.21 -22.53 -24.87
C GLY B 135 -19.02 -21.64 -23.99
N VAL B 136 -18.67 -20.34 -23.91
CA VAL B 136 -19.41 -19.37 -23.10
C VAL B 136 -19.75 -18.19 -23.97
N LEU B 137 -18.71 -17.46 -24.40
CA LEU B 137 -18.80 -16.38 -25.35
C LEU B 137 -18.95 -16.79 -26.81
N ILE B 138 -18.29 -17.87 -27.16
CA ILE B 138 -18.30 -18.38 -28.51
C ILE B 138 -18.88 -19.83 -28.49
N PRO B 139 -20.21 -19.95 -28.58
CA PRO B 139 -20.76 -21.31 -28.81
C PRO B 139 -20.20 -21.92 -30.07
N PRO B 140 -20.23 -23.24 -30.24
CA PRO B 140 -19.74 -23.87 -31.46
C PRO B 140 -20.34 -23.35 -32.74
N ALA B 141 -21.64 -23.14 -32.78
CA ALA B 141 -22.25 -22.62 -33.97
C ALA B 141 -21.51 -21.31 -34.46
N GLU B 142 -21.27 -20.40 -33.52
CA GLU B 142 -20.62 -19.13 -33.79
C GLU B 142 -19.18 -19.34 -34.24
N ALA B 143 -18.41 -20.20 -33.58
CA ALA B 143 -17.06 -20.63 -34.06
C ALA B 143 -17.04 -21.10 -35.51
N ALA B 144 -18.01 -21.89 -35.94
CA ALA B 144 -18.02 -22.41 -37.30
C ALA B 144 -18.37 -21.33 -38.30
N ARG B 145 -19.32 -20.47 -37.98
CA ARG B 145 -19.69 -19.36 -38.86
C ARG B 145 -18.46 -18.44 -39.09
N LEU B 146 -17.68 -18.17 -38.05
CA LEU B 146 -16.43 -17.39 -38.17
C LEU B 146 -15.23 -18.07 -38.83
N ALA B 147 -15.03 -19.37 -38.67
CA ALA B 147 -14.00 -20.03 -39.49
C ALA B 147 -14.28 -19.87 -41.03
N LYS B 148 -15.55 -19.85 -41.42
CA LYS B 148 -15.91 -19.69 -42.81
C LYS B 148 -15.67 -18.20 -43.19
N SER B 149 -16.11 -17.27 -42.36
CA SER B 149 -16.35 -15.92 -42.84
C SER B 149 -15.13 -15.01 -42.74
N LEU B 150 -14.18 -15.36 -41.89
CA LEU B 150 -13.01 -14.56 -41.57
C LEU B 150 -11.88 -14.98 -42.49
N PRO B 151 -11.13 -14.01 -43.08
CA PRO B 151 -10.03 -14.50 -43.98
C PRO B 151 -8.85 -15.21 -43.30
N ASN B 152 -8.29 -16.23 -43.98
CA ASN B 152 -7.08 -17.05 -43.51
C ASN B 152 -7.11 -17.61 -42.14
N CYS B 153 -8.32 -18.10 -41.82
CA CYS B 153 -8.71 -18.43 -40.45
C CYS B 153 -8.67 -19.91 -40.36
N LYS B 154 -7.92 -20.43 -39.42
CA LYS B 154 -7.89 -21.85 -39.04
C LYS B 154 -8.49 -21.94 -37.64
N ALA B 155 -9.51 -22.81 -37.55
CA ALA B 155 -10.28 -23.06 -36.36
C ALA B 155 -9.86 -24.39 -35.82
N VAL B 156 -9.73 -24.52 -34.50
CA VAL B 156 -9.29 -25.72 -33.87
C VAL B 156 -10.22 -25.99 -32.67
N ASP B 157 -10.73 -27.24 -32.59
CA ASP B 157 -11.66 -27.74 -31.57
C ASP B 157 -10.80 -28.26 -30.48
N ILE B 158 -10.93 -27.72 -29.26
CA ILE B 158 -10.22 -28.25 -28.12
C ILE B 158 -10.98 -29.35 -27.29
N GLY B 159 -12.16 -29.76 -27.77
CA GLY B 159 -13.12 -30.57 -27.04
C GLY B 159 -13.89 -29.83 -25.93
N PRO B 160 -14.05 -30.47 -24.78
CA PRO B 160 -14.79 -29.76 -23.75
C PRO B 160 -14.11 -28.46 -23.39
N GLY B 161 -14.90 -27.40 -23.26
CA GLY B 161 -14.36 -26.08 -23.01
C GLY B 161 -15.53 -25.14 -22.73
N LEU B 162 -15.33 -24.23 -21.82
CA LEU B 162 -16.31 -23.22 -21.48
C LEU B 162 -15.64 -21.86 -21.87
N ASN B 163 -15.08 -21.10 -20.93
CA ASN B 163 -14.44 -19.84 -21.22
C ASN B 163 -12.89 -19.94 -21.21
N LEU B 164 -12.32 -20.40 -20.09
CA LEU B 164 -10.90 -20.48 -19.88
C LEU B 164 -10.39 -21.75 -20.47
N LEU B 165 -10.30 -21.72 -21.78
CA LEU B 165 -9.95 -22.89 -22.54
C LEU B 165 -8.58 -23.41 -22.28
N GLN B 166 -7.72 -22.50 -21.92
CA GLN B 166 -6.34 -22.77 -21.58
C GLN B 166 -6.16 -23.76 -20.40
N GLU B 167 -7.17 -23.79 -19.56
CA GLU B 167 -7.24 -24.58 -18.38
C GLU B 167 -7.76 -25.97 -18.71
N ASP B 168 -8.53 -26.11 -19.78
CA ASP B 168 -9.06 -27.41 -20.22
C ASP B 168 -8.13 -28.07 -21.17
N ASN B 169 -7.43 -27.39 -22.07
CA ASN B 169 -6.53 -28.15 -22.94
C ASN B 169 -5.31 -27.40 -23.40
N PRO B 170 -4.40 -27.14 -22.46
CA PRO B 170 -3.34 -26.22 -22.83
C PRO B 170 -2.38 -26.79 -23.78
N ASP B 171 -2.22 -28.11 -23.73
CA ASP B 171 -1.21 -28.73 -24.56
C ASP B 171 -1.61 -28.67 -25.97
N LEU B 172 -2.89 -28.82 -26.28
CA LEU B 172 -3.29 -28.65 -27.63
C LEU B 172 -3.18 -27.16 -28.14
N ILE B 173 -3.60 -26.23 -27.30
CA ILE B 173 -3.52 -24.79 -27.71
C ILE B 173 -2.09 -24.38 -27.87
N GLY B 174 -1.31 -24.73 -26.88
CA GLY B 174 0.09 -24.38 -26.92
C GLY B 174 0.75 -24.99 -28.14
N SER B 175 0.43 -26.24 -28.33
CA SER B 175 0.96 -26.99 -29.44
C SER B 175 0.60 -26.41 -30.83
N GLU B 176 -0.68 -26.21 -31.05
CA GLU B 176 -1.14 -25.65 -32.29
C GLU B 176 -0.59 -24.24 -32.56
N ILE B 177 -0.37 -23.44 -31.49
CA ILE B 177 0.13 -22.10 -31.70
C ILE B 177 1.53 -22.23 -32.23
N ALA B 178 2.36 -23.04 -31.55
CA ALA B 178 3.82 -23.24 -31.99
C ALA B 178 3.99 -23.63 -33.48
N ARG B 179 3.08 -24.48 -33.93
CA ARG B 179 2.98 -24.91 -35.30
C ARG B 179 2.53 -23.82 -36.24
N TRP B 180 1.43 -23.16 -35.88
CA TRP B 180 0.97 -22.07 -36.71
C TRP B 180 2.00 -20.96 -36.86
N LEU B 181 2.73 -20.69 -35.77
CA LEU B 181 3.79 -19.67 -35.81
C LEU B 181 4.87 -20.02 -36.82
N SER B 182 5.33 -21.26 -36.93
CA SER B 182 6.35 -21.46 -38.02
C SER B 182 5.81 -21.38 -39.51
N THR B 183 4.48 -21.37 -39.70
CA THR B 183 3.89 -21.11 -41.01
C THR B 183 3.74 -19.59 -41.33
N LEU B 184 3.96 -18.71 -40.36
CA LEU B 184 3.74 -17.27 -40.54
C LEU B 184 5.07 -16.76 -41.04
N GLU B 185 5.07 -15.59 -41.67
CA GLU B 185 6.31 -15.04 -42.21
C GLU B 185 6.72 -13.93 -41.26
N ILE B 186 7.32 -14.42 -40.18
CA ILE B 186 7.89 -13.66 -39.08
C ILE B 186 9.28 -14.30 -38.92
N SER B 187 10.19 -13.64 -38.20
CA SER B 187 11.42 -14.27 -37.68
C SER B 187 11.31 -15.79 -37.29
N ILE B 210 -1.57 -31.29 -15.98
CA ILE B 210 -1.76 -29.83 -16.22
C ILE B 210 -1.15 -29.12 -15.01
N GLY B 211 -0.01 -28.45 -15.21
CA GLY B 211 0.76 -27.83 -14.14
C GLY B 211 0.03 -26.60 -13.51
N THR B 212 0.38 -26.38 -12.25
CA THR B 212 -0.22 -25.34 -11.38
C THR B 212 0.80 -24.25 -10.98
N GLY B 213 2.08 -24.53 -11.35
CA GLY B 213 3.23 -23.68 -11.09
C GLY B 213 3.38 -22.55 -12.14
N PHE B 214 3.89 -21.41 -11.68
CA PHE B 214 4.14 -20.26 -12.52
C PHE B 214 5.62 -19.92 -12.33
N PRO B 215 6.50 -20.65 -13.04
CA PRO B 215 7.90 -20.42 -12.74
C PRO B 215 8.42 -18.95 -13.01
N PHE B 216 7.72 -18.10 -13.78
CA PHE B 216 8.41 -17.17 -14.61
C PHE B 216 8.92 -16.05 -13.85
N ASP B 217 10.07 -15.55 -14.24
CA ASP B 217 10.63 -14.44 -13.63
C ASP B 217 9.74 -13.23 -13.76
N PRO B 218 9.49 -12.52 -12.67
CA PRO B 218 8.68 -11.26 -12.83
C PRO B 218 9.45 -10.07 -13.33
N HIS B 219 8.93 -9.46 -14.41
CA HIS B 219 9.42 -8.20 -14.95
C HIS B 219 8.37 -7.09 -14.81
N TYR B 220 8.84 -5.87 -14.63
CA TYR B 220 8.02 -4.75 -14.56
C TYR B 220 8.46 -3.66 -15.52
N VAL B 221 7.50 -2.89 -16.04
CA VAL B 221 7.78 -1.72 -16.80
C VAL B 221 6.89 -0.52 -16.31
N GLU B 222 7.45 0.67 -16.37
CA GLU B 222 6.72 1.87 -16.01
C GLU B 222 5.71 2.21 -17.13
N VAL B 223 4.42 2.35 -16.83
CA VAL B 223 3.38 2.66 -17.78
C VAL B 223 2.44 3.69 -17.15
N LEU B 224 2.36 4.87 -17.71
CA LEU B 224 1.45 5.89 -17.26
C LEU B 224 1.56 6.12 -15.74
N GLY B 225 2.80 6.10 -15.21
CA GLY B 225 3.04 6.32 -13.79
C GLY B 225 2.83 5.10 -12.90
N GLU B 226 2.53 3.93 -13.44
CA GLU B 226 2.34 2.71 -12.66
C GLU B 226 3.32 1.66 -13.16
N ARG B 227 3.26 0.50 -12.56
CA ARG B 227 4.23 -0.58 -12.88
C ARG B 227 3.38 -1.72 -13.29
N MET B 228 3.59 -2.18 -14.51
CA MET B 228 2.84 -3.34 -14.98
C MET B 228 3.74 -4.54 -14.97
N HIS B 229 3.19 -5.67 -14.57
CA HIS B 229 3.99 -6.95 -14.47
C HIS B 229 3.87 -7.69 -15.78
N TYR B 230 4.91 -8.33 -16.30
CA TYR B 230 4.75 -9.17 -17.39
C TYR B 230 5.73 -10.33 -17.37
N VAL B 231 5.37 -11.43 -17.97
CA VAL B 231 6.32 -12.46 -18.32
C VAL B 231 7.04 -12.05 -19.62
N ASP B 232 8.31 -12.39 -19.68
CA ASP B 232 9.13 -12.14 -20.82
C ASP B 232 10.20 -13.25 -20.99
N VAL B 233 9.97 -14.28 -21.77
CA VAL B 233 10.90 -15.36 -21.94
C VAL B 233 11.10 -15.60 -23.40
N GLY B 234 12.10 -16.36 -23.70
CA GLY B 234 12.41 -16.84 -25.02
C GLY B 234 13.41 -15.94 -25.65
N PRO B 235 13.79 -16.26 -26.90
CA PRO B 235 14.84 -15.51 -27.55
C PRO B 235 14.52 -14.02 -27.60
N ARG B 236 15.55 -13.19 -27.53
CA ARG B 236 15.45 -11.76 -27.57
C ARG B 236 15.14 -11.23 -28.94
N ASP B 237 15.66 -11.84 -29.96
CA ASP B 237 15.49 -11.35 -31.32
C ASP B 237 14.27 -12.00 -31.94
N GLY B 238 13.80 -11.44 -33.05
CA GLY B 238 12.62 -11.97 -33.78
C GLY B 238 11.33 -11.25 -33.43
N THR B 239 10.21 -11.80 -33.84
CA THR B 239 8.90 -11.18 -33.71
C THR B 239 8.32 -11.71 -32.41
N PRO B 240 7.92 -10.82 -31.50
CA PRO B 240 7.50 -11.33 -30.21
C PRO B 240 6.06 -11.69 -30.32
N VAL B 241 5.70 -12.57 -29.43
CA VAL B 241 4.32 -13.04 -29.28
C VAL B 241 3.71 -12.50 -27.98
N LEU B 242 2.60 -11.78 -28.11
CA LEU B 242 2.05 -11.02 -27.00
C LEU B 242 0.78 -11.73 -26.59
N PHE B 243 0.80 -12.26 -25.37
CA PHE B 243 -0.32 -12.95 -24.80
C PHE B 243 -1.14 -12.00 -23.86
N LEU B 244 -2.45 -11.87 -24.16
CA LEU B 244 -3.33 -11.00 -23.38
C LEU B 244 -4.49 -11.77 -22.76
N HIS B 245 -4.53 -11.79 -21.40
CA HIS B 245 -5.57 -12.41 -20.67
C HIS B 245 -6.77 -11.42 -20.48
N GLY B 246 -7.90 -11.96 -19.97
CA GLY B 246 -9.14 -11.26 -19.65
C GLY B 246 -9.52 -11.40 -18.19
N ASN B 247 -10.79 -11.36 -17.93
CA ASN B 247 -11.34 -11.27 -16.58
C ASN B 247 -11.79 -12.69 -16.24
N PRO B 248 -11.49 -13.20 -15.03
CA PRO B 248 -10.74 -12.55 -13.94
C PRO B 248 -9.39 -13.15 -13.73
N THR B 249 -8.65 -13.28 -14.81
CA THR B 249 -7.45 -14.00 -14.82
C THR B 249 -6.24 -13.06 -14.76
N SER B 250 -5.06 -13.61 -15.11
CA SER B 250 -3.86 -12.87 -15.22
C SER B 250 -2.97 -13.64 -16.18
N SER B 251 -1.71 -13.25 -16.32
CA SER B 251 -0.77 -13.99 -17.19
C SER B 251 -0.68 -15.51 -16.71
N TYR B 252 -1.12 -15.76 -15.48
CA TYR B 252 -1.25 -17.10 -14.91
C TYR B 252 -1.96 -18.05 -15.88
N VAL B 253 -2.94 -17.53 -16.61
CA VAL B 253 -3.75 -18.33 -17.50
C VAL B 253 -2.96 -18.88 -18.70
N TRP B 254 -1.81 -18.31 -18.96
CA TRP B 254 -1.02 -18.66 -20.11
C TRP B 254 0.14 -19.57 -19.70
N ARG B 255 0.26 -19.86 -18.39
CA ARG B 255 1.43 -20.63 -17.86
C ARG B 255 1.75 -21.89 -18.58
N ASN B 256 0.75 -22.62 -18.98
CA ASN B 256 0.94 -23.96 -19.66
C ASN B 256 0.82 -23.89 -21.16
N ILE B 257 0.71 -22.69 -21.70
CA ILE B 257 0.79 -22.45 -23.16
C ILE B 257 2.09 -21.86 -23.60
N ILE B 258 2.58 -20.89 -22.86
CA ILE B 258 3.86 -20.22 -23.17
C ILE B 258 5.10 -21.17 -23.39
N PRO B 259 5.23 -22.20 -22.52
CA PRO B 259 6.34 -23.16 -22.70
C PRO B 259 6.35 -23.88 -24.06
N HIS B 260 5.22 -24.06 -24.75
CA HIS B 260 5.27 -24.55 -26.15
C HIS B 260 5.82 -23.55 -27.16
N VAL B 261 5.77 -22.23 -26.84
CA VAL B 261 6.14 -21.17 -27.79
C VAL B 261 7.53 -20.57 -27.57
N ALA B 262 7.89 -20.49 -26.29
CA ALA B 262 9.18 -19.88 -25.81
C ALA B 262 10.47 -20.44 -26.44
N PRO B 263 10.48 -21.76 -26.81
CA PRO B 263 11.79 -22.28 -27.41
C PRO B 263 12.18 -21.54 -28.67
N LYS B 264 11.18 -21.09 -29.45
CA LYS B 264 11.39 -20.38 -30.73
C LYS B 264 11.01 -18.89 -30.83
N HIS B 265 10.10 -18.36 -29.98
CA HIS B 265 9.71 -16.96 -30.05
C HIS B 265 9.66 -16.34 -28.66
N ARG B 266 10.12 -15.12 -28.56
CA ARG B 266 9.91 -14.25 -27.36
C ARG B 266 8.41 -14.23 -27.02
N CYS B 267 8.08 -14.45 -25.75
CA CYS B 267 6.71 -14.48 -25.24
C CYS B 267 6.58 -13.40 -24.16
N ILE B 268 5.58 -12.52 -24.32
CA ILE B 268 5.37 -11.39 -23.45
C ILE B 268 3.97 -11.52 -22.99
N ALA B 269 3.79 -11.63 -21.69
CA ALA B 269 2.49 -11.79 -21.11
C ALA B 269 2.27 -10.85 -19.96
N PRO B 270 1.62 -9.69 -20.22
CA PRO B 270 1.43 -8.74 -19.19
C PRO B 270 0.20 -9.05 -18.37
N ASP B 271 0.19 -8.56 -17.13
CA ASP B 271 -1.02 -8.54 -16.35
C ASP B 271 -1.62 -7.18 -16.59
N LEU B 272 -2.90 -7.16 -16.86
CA LEU B 272 -3.61 -5.86 -17.11
C LEU B 272 -3.53 -5.06 -15.91
N ILE B 273 -3.63 -3.76 -16.10
CA ILE B 273 -3.59 -2.86 -14.95
C ILE B 273 -4.72 -3.25 -13.95
N GLY B 274 -4.47 -3.18 -12.66
CA GLY B 274 -5.46 -3.54 -11.64
C GLY B 274 -5.56 -5.04 -11.39
N MET B 275 -4.79 -5.86 -12.16
CA MET B 275 -4.98 -7.26 -12.17
C MET B 275 -3.62 -7.96 -11.95
N GLY B 276 -3.68 -9.25 -11.67
CA GLY B 276 -2.41 -10.08 -11.50
C GLY B 276 -1.43 -9.45 -10.55
N LYS B 277 -0.23 -9.23 -11.00
CA LYS B 277 0.79 -8.53 -10.18
C LYS B 277 1.07 -7.12 -10.61
N SER B 278 0.22 -6.52 -11.43
CA SER B 278 0.44 -5.10 -11.80
C SER B 278 -0.05 -4.19 -10.68
N ASP B 279 0.32 -2.91 -10.75
CA ASP B 279 -0.23 -1.93 -9.82
C ASP B 279 -1.72 -1.81 -9.91
N LYS B 280 -2.27 -1.19 -8.88
CA LYS B 280 -3.70 -1.02 -8.75
C LYS B 280 -4.05 0.41 -8.54
N PRO B 281 -3.93 1.22 -9.55
CA PRO B 281 -4.25 2.60 -9.27
C PRO B 281 -5.72 2.75 -8.98
N ASP B 282 -6.11 3.91 -8.49
CA ASP B 282 -7.52 4.20 -8.20
C ASP B 282 -8.21 4.60 -9.56
N LEU B 283 -8.85 3.67 -10.27
CA LEU B 283 -9.37 3.92 -11.58
C LEU B 283 -10.76 3.35 -11.54
N GLY B 284 -11.57 3.72 -12.50
CA GLY B 284 -12.76 2.97 -12.69
C GLY B 284 -12.50 1.68 -13.40
N TYR B 285 -11.36 1.46 -14.00
CA TYR B 285 -11.15 0.20 -14.76
C TYR B 285 -12.13 -0.09 -15.90
N PHE B 286 -12.48 0.99 -16.57
CA PHE B 286 -13.22 0.87 -17.82
C PHE B 286 -12.40 0.29 -18.93
N PHE B 287 -13.06 -0.28 -19.92
CA PHE B 287 -12.34 -0.76 -21.05
C PHE B 287 -11.32 0.27 -21.56
N ASP B 288 -11.79 1.46 -21.74
CA ASP B 288 -10.88 2.54 -22.20
C ASP B 288 -9.65 2.81 -21.34
N ASP B 289 -9.76 2.60 -19.99
CA ASP B 289 -8.61 2.63 -19.12
C ASP B 289 -7.61 1.57 -19.51
N HIS B 290 -8.09 0.38 -19.73
CA HIS B 290 -7.23 -0.64 -20.16
C HIS B 290 -6.59 -0.39 -21.53
N VAL B 291 -7.37 0.24 -22.43
CA VAL B 291 -6.84 0.56 -23.76
C VAL B 291 -5.60 1.44 -23.58
N ARG B 292 -5.66 2.43 -22.71
CA ARG B 292 -4.59 3.34 -22.51
C ARG B 292 -3.39 2.65 -21.91
N PHE B 293 -3.61 1.83 -20.91
CA PHE B 293 -2.49 1.11 -20.29
C PHE B 293 -1.86 0.10 -21.22
N MET B 294 -2.69 -0.60 -21.96
CA MET B 294 -2.08 -1.55 -22.87
C MET B 294 -1.32 -0.93 -24.04
N ASP B 295 -1.80 0.17 -24.52
CA ASP B 295 -1.08 0.87 -25.59
C ASP B 295 0.20 1.35 -25.07
N ALA B 296 0.21 1.91 -23.86
CA ALA B 296 1.44 2.42 -23.32
C ALA B 296 2.46 1.28 -22.94
N PHE B 297 1.95 0.15 -22.51
CA PHE B 297 2.76 -1.03 -22.28
C PHE B 297 3.53 -1.44 -23.55
N ILE B 298 2.81 -1.62 -24.63
CA ILE B 298 3.39 -1.96 -25.93
C ILE B 298 4.44 -0.95 -26.33
N GLU B 299 4.17 0.34 -26.14
CA GLU B 299 5.18 1.39 -26.49
C GLU B 299 6.36 1.32 -25.50
N ALA B 300 6.15 1.09 -24.21
CA ALA B 300 7.24 1.04 -23.28
C ALA B 300 8.13 -0.14 -23.52
N LEU B 301 7.69 -1.18 -24.12
CA LEU B 301 8.60 -2.27 -24.42
C LEU B 301 9.30 -2.07 -25.77
N GLY B 302 8.90 -1.01 -26.50
CA GLY B 302 9.42 -0.75 -27.84
C GLY B 302 8.99 -1.79 -28.86
N LEU B 303 7.84 -2.45 -28.66
CA LEU B 303 7.49 -3.53 -29.63
C LEU B 303 7.19 -2.90 -31.01
N GLU B 304 7.54 -3.62 -32.06
CA GLU B 304 7.23 -3.14 -33.40
C GLU B 304 6.12 -3.95 -33.99
N GLU B 305 6.45 -5.05 -34.65
CA GLU B 305 5.45 -5.97 -35.14
C GLU B 305 5.35 -7.09 -34.09
N VAL B 306 4.21 -7.74 -34.00
CA VAL B 306 3.98 -8.72 -33.00
C VAL B 306 3.02 -9.71 -33.54
N VAL B 307 2.94 -10.87 -32.90
CA VAL B 307 1.84 -11.82 -33.06
C VAL B 307 1.03 -11.67 -31.78
N LEU B 308 -0.30 -11.68 -31.86
CA LEU B 308 -1.13 -11.61 -30.70
C LEU B 308 -1.73 -12.97 -30.38
N VAL B 309 -1.79 -13.30 -29.10
CA VAL B 309 -2.53 -14.40 -28.64
C VAL B 309 -3.48 -13.90 -27.57
N ILE B 310 -4.77 -13.95 -27.83
CA ILE B 310 -5.65 -13.20 -27.02
C ILE B 310 -6.91 -13.92 -26.60
N HIS B 311 -7.38 -13.55 -25.42
CA HIS B 311 -8.57 -14.18 -24.80
C HIS B 311 -9.52 -13.20 -24.05
N ASP B 312 -10.86 -13.34 -24.21
CA ASP B 312 -11.93 -12.60 -23.33
C ASP B 312 -11.64 -11.08 -23.45
N TRP B 313 -11.42 -10.30 -22.39
CA TRP B 313 -11.23 -8.83 -22.52
C TRP B 313 -9.89 -8.56 -23.20
N GLY B 314 -8.95 -9.50 -23.06
CA GLY B 314 -7.61 -9.45 -23.76
C GLY B 314 -7.79 -9.48 -25.27
N SER B 315 -8.83 -10.14 -25.77
CA SER B 315 -9.08 -10.15 -27.21
C SER B 315 -9.78 -8.83 -27.67
N ALA B 316 -10.57 -8.22 -26.81
CA ALA B 316 -11.03 -6.89 -27.13
C ALA B 316 -9.89 -5.91 -27.23
N LEU B 317 -8.96 -5.99 -26.31
CA LEU B 317 -7.84 -5.09 -26.35
C LEU B 317 -6.96 -5.33 -27.62
N GLY B 318 -6.68 -6.59 -27.85
CA GLY B 318 -5.84 -7.02 -28.96
C GLY B 318 -6.43 -6.68 -30.30
N PHE B 319 -7.72 -6.95 -30.47
CA PHE B 319 -8.38 -6.65 -31.75
C PHE B 319 -8.51 -5.14 -32.00
N HIS B 320 -8.92 -4.40 -30.96
CA HIS B 320 -8.95 -2.95 -31.03
C HIS B 320 -7.52 -2.35 -31.34
N TRP B 321 -6.44 -2.90 -30.78
CA TRP B 321 -5.10 -2.46 -31.03
C TRP B 321 -4.71 -2.86 -32.54
N ALA B 322 -5.08 -4.05 -32.98
CA ALA B 322 -4.67 -4.55 -34.32
C ALA B 322 -5.31 -3.69 -35.36
N LYS B 323 -6.59 -3.38 -35.16
CA LYS B 323 -7.34 -2.47 -36.01
C LYS B 323 -6.64 -1.16 -36.15
N ARG B 324 -6.11 -0.57 -35.04
CA ARG B 324 -5.44 0.71 -35.13
C ARG B 324 -4.01 0.62 -35.59
N ASN B 325 -3.43 -0.56 -35.64
CA ASN B 325 -2.02 -0.71 -35.94
C ASN B 325 -1.93 -1.94 -36.84
N PRO B 326 -2.72 -1.95 -37.95
CA PRO B 326 -2.79 -3.19 -38.78
C PRO B 326 -1.43 -3.60 -39.40
N GLU B 327 -0.47 -2.68 -39.61
CA GLU B 327 0.84 -2.98 -40.24
C GLU B 327 1.73 -3.72 -39.27
N ARG B 328 1.39 -3.68 -37.98
CA ARG B 328 2.23 -4.19 -36.95
C ARG B 328 1.80 -5.59 -36.48
N VAL B 329 0.71 -6.14 -37.00
CA VAL B 329 0.20 -7.40 -36.49
C VAL B 329 0.42 -8.46 -37.51
N LYS B 330 1.25 -9.47 -37.23
CA LYS B 330 1.59 -10.55 -38.18
C LYS B 330 0.71 -11.72 -38.02
N GLY B 331 -0.15 -11.73 -37.01
CA GLY B 331 -1.04 -12.92 -36.83
C GLY B 331 -1.80 -12.81 -35.50
N ILE B 332 -2.94 -13.48 -35.41
CA ILE B 332 -3.73 -13.36 -34.24
C ILE B 332 -4.30 -14.76 -34.03
N ALA B 333 -3.94 -15.32 -32.90
CA ALA B 333 -4.66 -16.45 -32.26
C ALA B 333 -5.57 -15.98 -31.15
N PHE B 334 -6.79 -16.49 -31.14
CA PHE B 334 -7.80 -15.93 -30.25
C PHE B 334 -8.74 -17.03 -29.83
N MET B 335 -9.46 -16.83 -28.75
CA MET B 335 -10.28 -17.84 -28.26
C MET B 335 -11.21 -17.16 -27.30
N GLU B 336 -12.43 -17.62 -27.25
CA GLU B 336 -13.37 -17.13 -26.23
C GLU B 336 -13.30 -15.60 -26.15
N PHE B 337 -13.51 -14.98 -27.31
CA PHE B 337 -13.32 -13.56 -27.49
C PHE B 337 -14.61 -12.76 -27.40
N ILE B 338 -14.47 -11.46 -27.28
CA ILE B 338 -15.61 -10.59 -27.13
C ILE B 338 -16.15 -10.23 -28.55
N ARG B 339 -17.42 -10.45 -28.77
CA ARG B 339 -18.17 -10.01 -29.91
C ARG B 339 -19.46 -9.52 -29.37
N PRO B 340 -20.24 -8.80 -30.19
CA PRO B 340 -21.52 -8.33 -29.65
C PRO B 340 -22.49 -9.48 -29.44
N ILE B 341 -23.11 -9.55 -28.29
CA ILE B 341 -24.11 -10.56 -27.98
C ILE B 341 -25.49 -9.87 -28.17
N PRO B 342 -26.29 -10.31 -29.13
CA PRO B 342 -27.37 -9.37 -29.48
C PRO B 342 -28.50 -9.42 -28.49
N THR B 343 -28.69 -10.51 -27.77
CA THR B 343 -29.77 -10.63 -26.81
C THR B 343 -29.29 -11.40 -25.53
N TRP B 344 -30.01 -11.17 -24.45
CA TRP B 344 -29.81 -11.91 -23.20
C TRP B 344 -30.34 -13.33 -23.21
N ASP B 345 -30.98 -13.67 -24.30
CA ASP B 345 -31.80 -14.79 -24.39
C ASP B 345 -31.09 -15.73 -25.31
N GLU B 346 -29.88 -16.09 -24.93
CA GLU B 346 -28.98 -16.78 -25.84
C GLU B 346 -27.90 -17.55 -25.04
N TRP B 347 -27.28 -18.52 -25.72
CA TRP B 347 -26.30 -19.51 -25.21
C TRP B 347 -25.52 -19.26 -23.93
N PRO B 348 -24.83 -18.10 -23.83
CA PRO B 348 -24.15 -17.93 -22.56
C PRO B 348 -25.16 -17.71 -21.43
N PHE B 349 -26.13 -16.81 -21.61
CA PHE B 349 -26.74 -16.13 -20.47
C PHE B 349 -28.09 -16.71 -20.04
N ALA B 350 -28.80 -17.40 -20.93
CA ALA B 350 -29.91 -18.27 -20.49
C ALA B 350 -29.73 -19.61 -21.19
N ARG B 351 -30.00 -20.68 -20.45
CA ARG B 351 -30.09 -22.03 -21.04
C ARG B 351 -31.49 -22.19 -21.59
N ASP B 352 -31.61 -23.04 -22.61
CA ASP B 352 -32.88 -23.56 -23.16
C ASP B 352 -33.10 -25.01 -22.59
N GLN B 353 -33.00 -25.15 -21.27
CA GLN B 353 -32.95 -26.44 -20.60
C GLN B 353 -33.65 -26.27 -19.26
N LEU B 354 -34.86 -26.79 -19.13
CA LEU B 354 -35.50 -26.80 -17.79
C LEU B 354 -34.82 -27.89 -16.98
N THR B 355 -34.67 -27.69 -15.70
CA THR B 355 -34.27 -28.77 -14.81
C THR B 355 -35.39 -29.80 -14.69
N GLU B 356 -35.12 -30.94 -14.05
CA GLU B 356 -36.13 -32.01 -13.98
C GLU B 356 -37.14 -31.74 -12.88
N GLU B 357 -36.74 -30.94 -11.89
CA GLU B 357 -37.64 -30.62 -10.77
C GLU B 357 -38.64 -29.53 -11.23
N GLN B 358 -38.14 -28.62 -12.09
CA GLN B 358 -38.92 -27.55 -12.74
C GLN B 358 -39.94 -28.25 -13.55
N ILE B 359 -39.53 -29.24 -14.33
CA ILE B 359 -40.46 -30.05 -15.15
C ILE B 359 -41.46 -30.80 -14.34
N ALA B 360 -41.02 -31.38 -13.24
CA ALA B 360 -41.95 -32.02 -12.32
C ALA B 360 -42.90 -30.97 -11.66
N GLU B 361 -42.42 -29.81 -11.26
CA GLU B 361 -43.34 -28.71 -10.73
C GLU B 361 -44.38 -28.36 -11.84
N PHE B 362 -43.92 -28.26 -13.12
CA PHE B 362 -44.82 -27.96 -14.24
C PHE B 362 -45.77 -29.01 -14.53
N LYS B 363 -45.40 -30.26 -14.32
CA LYS B 363 -46.34 -31.32 -14.60
C LYS B 363 -47.50 -31.34 -13.53
N GLU B 364 -47.20 -30.97 -12.29
CA GLU B 364 -48.32 -30.88 -11.30
C GLU B 364 -49.24 -29.65 -11.64
N ALA B 365 -48.64 -28.56 -12.08
CA ALA B 365 -49.42 -27.39 -12.58
C ALA B 365 -50.24 -27.84 -13.71
N PHE B 366 -49.66 -28.65 -14.60
CA PHE B 366 -50.47 -29.05 -15.77
C PHE B 366 -51.63 -29.93 -15.35
N SER B 367 -51.36 -30.83 -14.44
CA SER B 367 -52.43 -31.74 -13.87
C SER B 367 -53.53 -31.09 -13.08
N LEU B 368 -53.26 -29.97 -12.41
CA LEU B 368 -54.33 -29.09 -11.86
C LEU B 368 -55.43 -28.72 -12.84
N PHE B 369 -55.03 -28.47 -14.12
CA PHE B 369 -55.99 -28.14 -15.15
C PHE B 369 -56.52 -29.35 -15.86
N ASP B 370 -55.62 -30.32 -16.16
CA ASP B 370 -56.00 -31.55 -16.87
C ASP B 370 -56.64 -32.52 -15.86
N LYS B 371 -57.86 -32.23 -15.45
CA LYS B 371 -58.38 -32.80 -14.21
C LYS B 371 -58.75 -34.23 -14.41
N ASP B 372 -59.03 -34.63 -15.64
CA ASP B 372 -59.39 -36.03 -15.94
C ASP B 372 -58.18 -36.84 -16.35
N GLY B 373 -57.01 -36.22 -16.28
CA GLY B 373 -55.78 -36.90 -16.59
C GLY B 373 -55.53 -37.41 -18.00
N ASP B 374 -56.27 -36.94 -19.01
CA ASP B 374 -56.08 -37.51 -20.35
C ASP B 374 -54.91 -36.88 -21.14
N GLY B 375 -54.07 -36.04 -20.51
CA GLY B 375 -52.97 -35.44 -21.22
C GLY B 375 -53.24 -34.16 -22.04
N THR B 376 -54.48 -33.65 -22.07
CA THR B 376 -54.80 -32.42 -22.80
C THR B 376 -55.70 -31.52 -21.89
N ILE B 377 -55.43 -30.20 -21.85
CA ILE B 377 -56.33 -29.21 -21.27
C ILE B 377 -57.25 -28.69 -22.36
N THR B 378 -58.54 -28.75 -22.11
CA THR B 378 -59.64 -28.24 -22.93
C THR B 378 -60.19 -26.95 -22.29
N THR B 379 -61.02 -26.27 -23.04
CA THR B 379 -61.74 -25.13 -22.54
C THR B 379 -62.66 -25.49 -21.35
N LYS B 380 -63.25 -26.68 -21.34
CA LYS B 380 -64.10 -27.07 -20.22
C LYS B 380 -63.29 -27.11 -18.90
N GLU B 381 -62.09 -27.66 -19.00
CA GLU B 381 -61.23 -27.77 -17.88
C GLU B 381 -60.69 -26.44 -17.38
N LEU B 382 -60.40 -25.54 -18.33
CA LEU B 382 -59.95 -24.23 -17.95
C LEU B 382 -61.11 -23.48 -17.25
N GLY B 383 -62.31 -23.67 -17.80
CA GLY B 383 -63.55 -23.07 -17.26
C GLY B 383 -63.80 -23.53 -15.81
N THR B 384 -63.55 -24.82 -15.52
CA THR B 384 -63.74 -25.38 -14.18
C THR B 384 -62.86 -24.60 -13.28
N VAL B 385 -61.58 -24.46 -13.62
CA VAL B 385 -60.68 -23.78 -12.69
C VAL B 385 -61.07 -22.29 -12.56
N MET B 386 -61.45 -21.67 -13.69
CA MET B 386 -61.74 -20.22 -13.72
C MET B 386 -63.03 -19.96 -12.84
N ARG B 387 -63.97 -20.91 -12.86
CA ARG B 387 -65.26 -20.74 -12.18
C ARG B 387 -64.92 -21.01 -10.73
N SER B 388 -64.11 -22.03 -10.46
CA SER B 388 -63.78 -22.27 -9.04
C SER B 388 -63.03 -21.12 -8.39
N LEU B 389 -62.32 -20.26 -9.15
CA LEU B 389 -61.66 -19.03 -8.66
C LEU B 389 -62.53 -17.84 -8.53
N GLY B 390 -63.80 -17.97 -8.89
CA GLY B 390 -64.79 -16.91 -8.69
C GLY B 390 -65.23 -16.29 -10.00
N GLN B 391 -64.55 -16.53 -11.13
CA GLN B 391 -64.86 -15.79 -12.39
C GLN B 391 -65.86 -16.52 -13.22
N ASN B 392 -66.26 -15.93 -14.34
CA ASN B 392 -67.38 -16.47 -15.14
C ASN B 392 -67.12 -16.43 -16.58
N PRO B 393 -66.10 -17.17 -17.03
CA PRO B 393 -65.61 -16.95 -18.40
C PRO B 393 -66.64 -17.35 -19.46
N THR B 394 -66.72 -16.65 -20.56
CA THR B 394 -67.50 -17.18 -21.61
C THR B 394 -66.67 -18.25 -22.36
N GLU B 395 -67.37 -19.06 -23.12
CA GLU B 395 -66.73 -19.94 -24.04
C GLU B 395 -65.68 -19.30 -24.98
N ALA B 396 -65.96 -18.09 -25.46
CA ALA B 396 -65.06 -17.36 -26.33
C ALA B 396 -63.76 -16.99 -25.60
N GLU B 397 -63.88 -16.51 -24.36
CA GLU B 397 -62.75 -16.21 -23.46
C GLU B 397 -61.84 -17.43 -23.19
N LEU B 398 -62.45 -18.60 -23.06
CA LEU B 398 -61.73 -19.79 -22.75
C LEU B 398 -60.98 -20.28 -23.99
N GLN B 399 -61.59 -20.15 -25.17
CA GLN B 399 -60.98 -20.43 -26.44
C GLN B 399 -59.78 -19.56 -26.69
N ASP B 400 -59.91 -18.30 -26.32
CA ASP B 400 -58.82 -17.34 -26.41
C ASP B 400 -57.65 -17.59 -25.53
N MET B 401 -57.95 -17.97 -24.30
CA MET B 401 -56.94 -18.40 -23.34
C MET B 401 -56.12 -19.59 -23.97
N ILE B 402 -56.83 -20.59 -24.50
CA ILE B 402 -56.24 -21.65 -25.37
C ILE B 402 -55.42 -21.21 -26.59
N ASN B 403 -55.98 -20.29 -27.35
CA ASN B 403 -55.34 -19.73 -28.53
C ASN B 403 -54.02 -19.09 -28.24
N GLU B 404 -53.82 -18.56 -27.02
CA GLU B 404 -52.57 -18.02 -26.51
C GLU B 404 -51.48 -19.08 -26.28
N VAL B 405 -51.84 -20.34 -26.20
CA VAL B 405 -50.93 -21.40 -25.77
C VAL B 405 -50.80 -22.50 -26.79
N ASP B 406 -51.94 -22.95 -27.26
CA ASP B 406 -51.99 -23.95 -28.37
C ASP B 406 -51.09 -23.49 -29.51
N ALA B 407 -50.15 -24.34 -29.86
CA ALA B 407 -49.18 -24.14 -30.86
C ALA B 407 -49.37 -25.07 -32.05
N ASP B 408 -50.46 -25.78 -32.17
CA ASP B 408 -50.73 -26.35 -33.47
C ASP B 408 -52.11 -26.13 -34.10
N GLY B 409 -53.08 -25.69 -33.33
CA GLY B 409 -54.41 -25.40 -33.78
C GLY B 409 -55.49 -26.42 -33.54
N ASN B 410 -55.20 -27.49 -32.84
CA ASN B 410 -56.25 -28.47 -32.50
C ASN B 410 -57.20 -28.01 -31.35
N GLY B 411 -56.92 -26.87 -30.74
CA GLY B 411 -57.83 -26.33 -29.77
C GLY B 411 -57.71 -26.83 -28.38
N THR B 412 -56.62 -27.55 -28.05
CA THR B 412 -56.33 -27.99 -26.64
C THR B 412 -54.88 -27.78 -26.35
N ILE B 413 -54.47 -27.90 -25.09
CA ILE B 413 -53.10 -27.74 -24.75
C ILE B 413 -52.53 -29.06 -24.33
N ASP B 414 -51.36 -29.44 -24.84
CA ASP B 414 -50.62 -30.62 -24.31
C ASP B 414 -49.48 -30.13 -23.49
N PHE B 415 -48.84 -31.07 -22.83
CA PHE B 415 -47.79 -30.74 -21.96
C PHE B 415 -46.62 -30.05 -22.63
N PRO B 416 -46.17 -30.50 -23.81
CA PRO B 416 -45.07 -29.69 -24.47
C PRO B 416 -45.37 -28.20 -24.74
N GLU B 417 -46.61 -27.91 -25.10
CA GLU B 417 -47.06 -26.46 -25.39
C GLU B 417 -47.11 -25.73 -24.05
N PHE B 418 -47.52 -26.47 -23.01
CA PHE B 418 -47.42 -25.95 -21.64
C PHE B 418 -46.07 -25.53 -21.23
N LEU B 419 -45.08 -26.35 -21.52
CA LEU B 419 -43.73 -25.98 -21.21
C LEU B 419 -43.17 -24.87 -22.01
N THR B 420 -43.54 -24.87 -23.31
CA THR B 420 -43.26 -23.74 -24.17
C THR B 420 -43.74 -22.42 -23.54
N MET B 421 -44.98 -22.41 -23.11
CA MET B 421 -45.52 -21.23 -22.41
C MET B 421 -44.69 -20.89 -21.20
N MET B 422 -44.34 -21.90 -20.40
CA MET B 422 -43.68 -21.60 -19.14
C MET B 422 -42.24 -21.21 -19.32
N ALA B 423 -41.59 -21.80 -20.33
CA ALA B 423 -40.19 -21.43 -20.60
C ALA B 423 -40.06 -19.93 -20.81
N ARG B 424 -40.98 -19.39 -21.61
CA ARG B 424 -40.99 -17.97 -21.84
C ARG B 424 -41.44 -17.12 -20.58
N LYS B 425 -42.43 -17.57 -19.85
CA LYS B 425 -42.94 -16.86 -18.69
C LYS B 425 -41.81 -16.70 -17.67
N MET B 426 -40.88 -17.65 -17.63
CA MET B 426 -39.78 -17.61 -16.68
C MET B 426 -38.76 -16.55 -16.99
N LYS B 427 -38.66 -16.11 -18.25
CA LYS B 427 -37.81 -14.96 -18.55
C LYS B 427 -38.51 -13.60 -18.36
N ASP B 428 -39.85 -13.51 -18.45
CA ASP B 428 -40.54 -12.20 -18.18
C ASP B 428 -41.65 -12.43 -17.27
N THR B 429 -41.43 -12.27 -15.99
CA THR B 429 -42.54 -12.32 -15.02
C THR B 429 -42.71 -10.84 -14.61
N ASP B 430 -41.96 -9.98 -15.33
CA ASP B 430 -41.44 -8.69 -14.90
C ASP B 430 -42.20 -7.43 -15.48
N SER B 431 -43.10 -7.54 -16.45
CA SER B 431 -43.80 -6.39 -17.13
C SER B 431 -44.24 -5.16 -16.34
N GLU B 432 -45.09 -5.33 -15.37
CA GLU B 432 -45.98 -4.22 -14.88
C GLU B 432 -47.40 -4.63 -15.19
N GLU B 433 -47.74 -4.69 -16.44
CA GLU B 433 -48.95 -5.39 -16.90
C GLU B 433 -49.00 -6.86 -16.38
N GLU B 434 -47.88 -7.58 -16.36
CA GLU B 434 -47.90 -8.92 -15.86
C GLU B 434 -48.06 -9.00 -14.32
N ILE B 435 -47.42 -8.13 -13.60
CA ILE B 435 -47.50 -8.10 -12.15
C ILE B 435 -48.91 -7.71 -11.72
N ARG B 436 -49.42 -6.71 -12.40
CA ARG B 436 -50.78 -6.27 -12.20
C ARG B 436 -51.79 -7.38 -12.49
N GLU B 437 -51.57 -8.12 -13.54
CA GLU B 437 -52.44 -9.25 -13.85
C GLU B 437 -52.26 -10.39 -12.78
N ALA B 438 -51.02 -10.71 -12.32
CA ALA B 438 -50.90 -11.64 -11.17
C ALA B 438 -51.67 -11.15 -9.91
N PHE B 439 -51.49 -9.90 -9.61
CA PHE B 439 -52.20 -9.28 -8.47
C PHE B 439 -53.69 -9.46 -8.51
N ARG B 440 -54.29 -9.30 -9.67
CA ARG B 440 -55.73 -9.39 -9.80
C ARG B 440 -56.24 -10.79 -9.54
N VAL B 441 -55.39 -11.79 -9.78
CA VAL B 441 -55.79 -13.14 -9.54
C VAL B 441 -55.78 -13.32 -8.00
N PHE B 442 -54.83 -12.79 -7.26
CA PHE B 442 -54.85 -12.93 -5.76
C PHE B 442 -56.02 -12.09 -5.21
N ASP B 443 -56.16 -10.85 -5.68
CA ASP B 443 -57.22 -9.87 -5.25
C ASP B 443 -58.55 -10.20 -5.85
N LYS B 444 -59.11 -11.27 -5.32
CA LYS B 444 -60.28 -11.88 -5.92
C LYS B 444 -61.43 -10.84 -6.06
N ASP B 445 -61.64 -10.03 -5.02
CA ASP B 445 -62.79 -9.11 -5.09
C ASP B 445 -62.46 -7.83 -5.84
N GLY B 446 -61.22 -7.62 -6.18
CA GLY B 446 -60.86 -6.42 -6.93
C GLY B 446 -60.74 -5.15 -6.08
N ASN B 447 -60.59 -5.28 -4.73
CA ASN B 447 -60.60 -4.10 -3.87
C ASN B 447 -59.22 -3.49 -3.65
N GLY B 448 -58.16 -4.00 -4.31
CA GLY B 448 -56.79 -3.40 -4.17
C GLY B 448 -56.01 -4.01 -3.01
N TYR B 449 -56.55 -5.00 -2.33
CA TYR B 449 -55.94 -5.62 -1.16
C TYR B 449 -56.09 -7.13 -1.21
N ILE B 450 -54.98 -7.87 -1.01
CA ILE B 450 -55.08 -9.36 -0.91
C ILE B 450 -55.25 -9.67 0.57
N SER B 451 -56.38 -10.26 0.94
CA SER B 451 -56.56 -10.68 2.35
C SER B 451 -56.12 -12.13 2.50
N ALA B 452 -55.84 -12.52 3.73
CA ALA B 452 -55.70 -13.92 4.18
C ALA B 452 -56.72 -14.87 3.53
N ALA B 453 -57.99 -14.48 3.51
CA ALA B 453 -59.04 -15.36 3.05
C ALA B 453 -58.93 -15.51 1.53
N GLU B 454 -58.72 -14.40 0.85
CA GLU B 454 -58.49 -14.48 -0.59
C GLU B 454 -57.32 -15.40 -0.97
N LEU B 455 -56.24 -15.28 -0.19
CA LEU B 455 -55.00 -16.03 -0.41
C LEU B 455 -55.30 -17.53 -0.27
N ARG B 456 -56.00 -17.89 0.78
CA ARG B 456 -56.44 -19.26 0.94
C ARG B 456 -57.29 -19.71 -0.19
N HIS B 457 -58.36 -18.98 -0.51
CA HIS B 457 -59.19 -19.46 -1.66
C HIS B 457 -58.44 -19.59 -2.98
N VAL B 458 -57.62 -18.61 -3.34
CA VAL B 458 -56.95 -18.63 -4.63
C VAL B 458 -55.96 -19.84 -4.60
N MET B 459 -55.19 -19.97 -3.51
CA MET B 459 -54.16 -21.05 -3.41
C MET B 459 -54.81 -22.46 -3.53
N THR B 460 -55.92 -22.62 -2.77
CA THR B 460 -56.66 -23.86 -2.73
C THR B 460 -57.21 -24.24 -4.09
N ASN B 461 -57.80 -23.32 -4.81
CA ASN B 461 -58.26 -23.64 -6.12
C ASN B 461 -57.16 -23.84 -7.17
N LEU B 462 -55.97 -23.34 -6.93
CA LEU B 462 -54.79 -23.68 -7.74
C LEU B 462 -54.00 -24.89 -7.21
N GLY B 463 -54.58 -25.64 -6.25
CA GLY B 463 -54.02 -26.87 -5.80
C GLY B 463 -52.90 -26.75 -4.84
N GLU B 464 -52.69 -25.57 -4.21
CA GLU B 464 -51.70 -25.44 -3.21
C GLU B 464 -52.44 -25.43 -1.83
N LYS B 465 -51.80 -25.94 -0.78
CA LYS B 465 -52.56 -26.37 0.39
C LYS B 465 -51.85 -25.78 1.58
N LEU B 466 -52.08 -24.51 1.88
CA LEU B 466 -51.26 -23.83 2.86
C LEU B 466 -51.90 -23.91 4.23
N THR B 467 -51.06 -24.07 5.26
CA THR B 467 -51.53 -24.08 6.65
C THR B 467 -51.77 -22.66 7.08
N ASP B 468 -52.39 -22.47 8.23
CA ASP B 468 -52.63 -21.11 8.77
C ASP B 468 -51.34 -20.35 8.97
N GLU B 469 -50.32 -21.03 9.51
CA GLU B 469 -48.98 -20.45 9.71
C GLU B 469 -48.40 -19.99 8.41
N GLU B 470 -48.49 -20.84 7.41
CA GLU B 470 -47.92 -20.46 6.09
C GLU B 470 -48.58 -19.26 5.41
N VAL B 471 -49.89 -19.20 5.48
CA VAL B 471 -50.65 -18.06 4.96
C VAL B 471 -50.19 -16.81 5.70
N ASP B 472 -50.15 -16.86 7.05
CA ASP B 472 -49.76 -15.66 7.82
C ASP B 472 -48.36 -15.30 7.54
N GLU B 473 -47.46 -16.28 7.41
CA GLU B 473 -46.09 -15.88 7.11
C GLU B 473 -45.94 -15.28 5.68
N MET B 474 -46.67 -15.84 4.72
CA MET B 474 -46.58 -15.37 3.35
C MET B 474 -47.00 -13.93 3.32
N ILE B 475 -48.16 -13.60 3.90
CA ILE B 475 -48.67 -12.23 3.99
C ILE B 475 -47.77 -11.36 4.84
N ARG B 476 -47.40 -11.84 6.04
CA ARG B 476 -46.47 -11.08 6.94
C ARG B 476 -45.26 -10.55 6.23
N GLU B 477 -44.56 -11.40 5.49
CA GLU B 477 -43.35 -10.97 4.75
C GLU B 477 -43.62 -9.79 3.84
N ALA B 478 -44.74 -9.80 3.16
CA ALA B 478 -45.01 -8.78 2.22
C ALA B 478 -45.68 -7.49 2.82
N ASP B 479 -46.22 -7.61 4.03
CA ASP B 479 -47.11 -6.63 4.57
C ASP B 479 -46.31 -5.50 5.20
N ILE B 480 -45.67 -4.65 4.38
CA ILE B 480 -44.82 -3.55 4.87
C ILE B 480 -45.64 -2.76 5.90
N ASP B 481 -46.84 -2.32 5.59
CA ASP B 481 -47.56 -1.44 6.56
C ASP B 481 -48.21 -2.13 7.78
N GLY B 482 -48.21 -3.45 7.81
CA GLY B 482 -48.71 -4.23 8.94
C GLY B 482 -50.21 -4.28 9.10
N ASP B 483 -51.00 -3.96 8.07
CA ASP B 483 -52.48 -4.07 8.17
C ASP B 483 -52.99 -5.56 8.00
N GLY B 484 -52.13 -6.55 7.89
CA GLY B 484 -52.60 -7.90 7.57
C GLY B 484 -53.09 -8.23 6.14
N GLN B 485 -52.89 -7.32 5.22
CA GLN B 485 -53.43 -7.45 3.85
C GLN B 485 -52.26 -7.12 2.93
N VAL B 486 -52.26 -7.58 1.70
CA VAL B 486 -51.18 -7.18 0.83
C VAL B 486 -51.73 -6.31 -0.28
N ASN B 487 -51.29 -5.05 -0.30
CA ASN B 487 -51.75 -4.11 -1.31
C ASN B 487 -50.85 -4.10 -2.51
N TYR B 488 -51.24 -3.34 -3.49
CA TYR B 488 -50.57 -3.48 -4.76
C TYR B 488 -49.10 -3.14 -4.64
N GLU B 489 -48.82 -2.06 -3.89
CA GLU B 489 -47.47 -1.50 -3.81
C GLU B 489 -46.55 -2.52 -3.13
N GLU B 490 -47.07 -3.07 -2.05
CA GLU B 490 -46.40 -4.13 -1.34
C GLU B 490 -46.11 -5.39 -2.21
N PHE B 491 -47.06 -5.74 -3.05
CA PHE B 491 -46.93 -6.86 -3.96
C PHE B 491 -45.87 -6.61 -5.07
N VAL B 492 -45.88 -5.43 -5.64
CA VAL B 492 -44.83 -5.00 -6.57
C VAL B 492 -43.44 -5.06 -5.90
N GLN B 493 -43.33 -4.58 -4.67
CA GLN B 493 -42.04 -4.62 -4.02
C GLN B 493 -41.49 -6.07 -3.93
N MET B 494 -42.35 -7.03 -3.61
CA MET B 494 -41.96 -8.42 -3.48
C MET B 494 -41.63 -8.96 -4.83
N MET B 495 -42.30 -8.48 -5.88
CA MET B 495 -42.18 -9.10 -7.19
C MET B 495 -40.97 -8.64 -7.91
N THR B 496 -40.48 -7.44 -7.61
CA THR B 496 -39.21 -6.91 -8.16
C THR B 496 -38.03 -6.72 -7.15
N ALA B 497 -37.82 -7.62 -6.19
CA ALA B 497 -37.04 -7.35 -4.95
C ALA B 497 -35.52 -6.99 -5.02
C4 PUJ C . 25.10 20.67 5.31
C14 PUJ C . 22.82 19.71 8.17
C5 PUJ C . 26.03 19.96 4.54
C6 PUJ C . 26.19 18.58 4.68
C11 PUJ C . 24.52 18.55 6.37
C7 PUJ C . 27.18 16.42 3.70
C8 PUJ C . 28.26 16.80 2.62
C9 PUJ C . 28.07 18.34 2.91
C10 PUJ C . 25.42 17.88 5.60
C12 PUJ C . 24.32 19.94 6.23
C13 PUJ C . 23.36 20.58 7.07
N1 PUJ C . 27.09 17.86 3.88
N2 PUJ C . 23.04 19.07 12.93
C3 PUJ C . 24.38 22.89 3.38
N3 PUJ C . 21.46 25.91 7.29
C1 PUJ C . 26.50 23.32 5.48
SI1 PUJ C . 24.87 22.45 5.14
F1 PUJ C . 27.94 16.39 1.38
C15 PUJ C . 23.43 19.88 9.41
C16 PUJ C . 23.03 19.13 10.51
C17 PUJ C . 23.71 19.39 11.83
O1 PUJ C . 24.82 19.93 11.88
C18 PUJ C . 23.54 19.37 14.26
C19 PUJ C . 22.45 19.21 15.29
O2 PUJ C . 22.83 19.95 16.44
C20 PUJ C . 22.10 21.16 16.59
C21 PUJ C . 22.42 21.76 17.91
O3 PUJ C . 23.83 21.87 18.09
C22 PUJ C . 24.37 23.17 17.87
C23 PUJ C . 25.27 23.57 19.02
C24 PUJ C . 26.43 22.63 19.33
C25 PUJ C . 26.68 22.47 20.80
C26 PUJ C . 27.38 21.21 21.22
C27 PUJ C . 28.50 21.48 22.15
C28 PUJ C . 22.02 18.18 10.34
C29 PUJ C . 21.43 18.00 9.09
C30 PUJ C . 21.81 18.75 7.99
C31 PUJ C . 21.14 18.48 6.66
O4 PUJ C . 21.80 17.86 5.79
O5 PUJ C . 19.96 18.84 6.52
C32 PUJ C . 22.90 21.93 7.04
C33 PUJ C . 21.84 22.30 7.91
C34 PUJ C . 21.38 23.58 7.97
C35 PUJ C . 21.95 24.58 7.18
C36 PUJ C . 20.26 26.40 8.01
C37 PUJ C . 20.97 27.81 7.85
F2 PUJ C . 20.19 28.78 7.32
C38 PUJ C . 22.08 27.19 6.91
C39 PUJ C . 23.02 24.23 6.32
C40 PUJ C . 23.52 22.92 6.26
CL CL D . 31.17 20.34 20.35
CA CA E . -1.48 -8.55 19.00
CA CA F . 21.25 -17.99 -4.72
CA CA G . 29.68 -10.56 -7.30
CA CA H . -5.60 -9.46 7.81
C4 PUJ I . -22.25 -18.46 -5.34
C14 PUJ I . -23.25 -19.56 -8.80
C5 PUJ I . -22.70 -17.48 -4.46
C6 PUJ I . -23.80 -16.68 -4.78
C11 PUJ I . -24.03 -17.83 -6.85
C7 PUJ I . -25.54 -15.01 -3.93
C8 PUJ I . -24.96 -14.27 -2.68
C9 PUJ I . -23.68 -15.22 -2.66
C10 PUJ I . -24.45 -16.86 -5.99
C12 PUJ I . -22.93 -18.67 -6.54
C13 PUJ I . -22.54 -19.66 -7.49
N1 PUJ I . -24.27 -15.72 -3.90
N2 PUJ I . -22.41 -18.02 -13.25
C3 PUJ I . -21.18 -20.42 -3.31
N3 PUJ I . -18.38 -23.50 -7.25
C1 PUJ I . -19.33 -18.40 -4.62
SI1 PUJ I . -20.83 -19.49 -4.88
F1 PUJ I . -25.74 -14.29 -1.57
C15 PUJ I . -22.59 -18.78 -9.75
C16 PUJ I . -23.14 -18.56 -11.00
C17 PUJ I . -22.30 -17.75 -11.95
O1 PUJ I . -21.47 -16.94 -11.51
C18 PUJ I . -21.34 -17.81 -14.19
C19 PUJ I . -21.73 -18.20 -15.58
O2 PUJ I . -20.60 -17.95 -16.40
C20 PUJ I . -20.17 -19.07 -17.18
C21 PUJ I . -18.71 -18.87 -17.53
O3 PUJ I . -18.27 -17.64 -16.97
C22 PUJ I . -16.87 -17.43 -17.09
C23 PUJ I . -16.65 -16.27 -18.03
C24 PUJ I . -15.77 -15.19 -17.47
C25 PUJ I . -15.27 -14.24 -18.52
C26 PUJ I . -16.32 -13.81 -19.54
C27 PUJ I . -16.01 -12.49 -20.17
C28 PUJ I . -24.37 -19.11 -11.30
C29 PUJ I . -25.06 -19.85 -10.37
C30 PUJ I . -24.52 -20.09 -9.10
C31 PUJ I . -25.34 -20.89 -8.13
O4 PUJ I . -26.18 -20.26 -7.45
O5 PUJ I . -25.16 -22.11 -8.07
C32 PUJ I . -21.50 -20.63 -7.36
C33 PUJ I . -21.30 -21.57 -8.42
C34 PUJ I . -20.30 -22.49 -8.37
C35 PUJ I . -19.43 -22.55 -7.27
C36 PUJ I . -18.11 -24.62 -8.16
C37 PUJ I . -16.64 -24.48 -7.59
F2 PUJ I . -16.07 -25.63 -7.18
C38 PUJ I . -17.13 -23.50 -6.46
C39 PUJ I . -19.60 -21.63 -6.23
C40 PUJ I . -20.61 -20.66 -6.27
CL CL J . -16.31 -9.97 -17.90
CA CA K . -58.01 -33.22 -19.84
CA CA L . -52.64 -27.88 -29.10
CA CA M . -59.28 -8.12 -2.07
CA CA N . -50.45 -4.21 3.97
#